data_2JN9
#
_entry.id   2JN9
#
_entity_poly.entity_id   1
_entity_poly.type   'polypeptide(L)'
_entity_poly.pdbx_seq_one_letter_code
;MVKTLRLNNVTLEMAAYQEESEPKRKIAFTLNVTSETYHDIAVLLYEKTFNVEVPERDLAFRGEMTNYSTSLTNLYEPGA
VSEFYIEITEIDKNADSLEHHHHHH
;
_entity_poly.pdbx_strand_id   A
#
# COMPACT_ATOMS: atom_id res chain seq x y z
N MET A 1 -10.29 15.06 1.62
CA MET A 1 -9.89 14.66 0.25
C MET A 1 -8.44 14.21 0.25
N VAL A 2 -8.23 12.90 0.27
CA VAL A 2 -6.89 12.35 0.38
C VAL A 2 -6.15 12.42 -0.95
N LYS A 3 -5.60 13.59 -1.23
CA LYS A 3 -4.75 13.77 -2.40
C LYS A 3 -3.29 13.78 -1.97
N THR A 4 -3.01 14.50 -0.90
CA THR A 4 -1.66 14.56 -0.35
C THR A 4 -1.37 13.29 0.47
N LEU A 5 -0.85 12.28 -0.21
CA LEU A 5 -0.53 11.03 0.44
C LEU A 5 0.95 10.73 0.26
N ARG A 6 1.63 10.41 1.35
CA ARG A 6 3.04 10.09 1.29
C ARG A 6 3.33 8.74 1.91
N LEU A 7 4.07 7.92 1.20
CA LEU A 7 4.49 6.62 1.68
C LEU A 7 5.96 6.66 2.03
N ASN A 8 6.25 7.04 3.27
CA ASN A 8 7.62 7.15 3.77
C ASN A 8 8.45 8.08 2.89
N ASN A 9 8.17 9.39 3.00
CA ASN A 9 8.89 10.45 2.25
C ASN A 9 8.53 10.46 0.76
N VAL A 10 7.92 9.39 0.28
CA VAL A 10 7.56 9.29 -1.13
C VAL A 10 6.13 9.74 -1.36
N THR A 11 5.97 10.89 -2.00
CA THR A 11 4.65 11.40 -2.31
C THR A 11 4.00 10.54 -3.40
N LEU A 12 2.70 10.29 -3.25
CA LEU A 12 2.03 9.32 -4.11
C LEU A 12 0.74 9.89 -4.71
N GLU A 13 0.46 9.47 -5.94
CA GLU A 13 -0.82 9.72 -6.56
C GLU A 13 -1.50 8.36 -6.80
N MET A 14 -2.78 8.39 -7.14
CA MET A 14 -3.53 7.16 -7.35
C MET A 14 -4.73 7.41 -8.24
N ALA A 15 -5.50 6.37 -8.49
CA ALA A 15 -6.67 6.47 -9.33
C ALA A 15 -7.91 6.11 -8.54
N ALA A 16 -7.80 5.03 -7.77
CA ALA A 16 -8.89 4.60 -6.91
C ALA A 16 -8.38 4.32 -5.50
N TYR A 17 -8.24 5.38 -4.72
CA TYR A 17 -7.96 5.25 -3.30
C TYR A 17 -9.22 4.83 -2.54
N GLN A 18 -9.20 3.64 -1.98
CA GLN A 18 -10.33 3.13 -1.22
C GLN A 18 -9.85 2.56 0.12
N GLU A 19 -10.19 3.23 1.20
CA GLU A 19 -9.83 2.76 2.53
C GLU A 19 -11.07 2.23 3.25
N GLU A 20 -10.93 1.04 3.81
CA GLU A 20 -11.99 0.45 4.60
C GLU A 20 -11.83 0.91 6.04
N SER A 21 -12.73 1.76 6.49
CA SER A 21 -12.58 2.42 7.78
C SER A 21 -13.04 1.54 8.94
N GLU A 22 -13.64 0.38 8.63
CA GLU A 22 -14.18 -0.48 9.68
C GLU A 22 -13.68 -1.89 9.57
N PRO A 23 -14.14 -2.79 10.49
CA PRO A 23 -13.37 -3.75 11.24
C PRO A 23 -11.84 -3.82 11.04
N LYS A 24 -11.37 -3.43 9.90
CA LYS A 24 -9.96 -3.44 9.60
C LYS A 24 -9.67 -2.30 8.64
N ARG A 25 -8.98 -1.29 9.12
CA ARG A 25 -8.65 -0.14 8.28
C ARG A 25 -7.64 -0.53 7.22
N LYS A 26 -8.16 -0.95 6.08
CA LYS A 26 -7.34 -1.37 4.96
C LYS A 26 -7.28 -0.27 3.93
N ILE A 27 -6.09 0.27 3.73
CA ILE A 27 -5.88 1.32 2.76
C ILE A 27 -5.54 0.71 1.42
N ALA A 28 -6.56 0.55 0.58
CA ALA A 28 -6.39 -0.05 -0.73
C ALA A 28 -6.37 1.03 -1.80
N PHE A 29 -5.19 1.40 -2.23
CA PHE A 29 -5.09 2.39 -3.28
C PHE A 29 -4.65 1.76 -4.59
N THR A 30 -5.41 2.05 -5.64
CA THR A 30 -5.10 1.55 -6.97
C THR A 30 -4.03 2.41 -7.62
N LEU A 31 -2.85 1.83 -7.78
CA LEU A 31 -1.71 2.53 -8.35
C LEU A 31 -1.53 2.11 -9.80
N ASN A 32 -1.78 3.03 -10.74
CA ASN A 32 -1.64 2.70 -12.15
C ASN A 32 -0.22 2.99 -12.66
N VAL A 33 0.66 2.04 -12.45
CA VAL A 33 2.05 2.15 -12.89
C VAL A 33 2.10 2.00 -14.41
N THR A 34 3.05 2.65 -15.07
CA THR A 34 3.10 2.58 -16.51
C THR A 34 4.13 1.53 -16.96
N SER A 35 4.07 1.14 -18.22
CA SER A 35 4.92 0.08 -18.74
C SER A 35 6.37 0.54 -18.95
N GLU A 36 6.62 1.81 -18.66
CA GLU A 36 7.94 2.40 -18.82
C GLU A 36 8.96 1.69 -17.93
N THR A 37 8.67 1.65 -16.64
CA THR A 37 9.56 1.03 -15.67
C THR A 37 8.98 -0.29 -15.15
N TYR A 38 7.85 -0.68 -15.73
CA TYR A 38 7.08 -1.84 -15.28
C TYR A 38 7.90 -3.13 -15.30
N HIS A 39 9.01 -3.13 -16.02
CA HIS A 39 9.84 -4.33 -16.18
C HIS A 39 10.23 -4.91 -14.83
N ASP A 40 10.87 -4.10 -13.99
CA ASP A 40 11.29 -4.54 -12.67
C ASP A 40 10.09 -4.58 -11.73
N ILE A 41 9.15 -3.69 -11.96
CA ILE A 41 7.98 -3.54 -11.09
C ILE A 41 7.09 -4.77 -11.16
N ALA A 42 7.11 -5.46 -12.29
CA ALA A 42 6.37 -6.71 -12.44
C ALA A 42 6.91 -7.78 -11.51
N VAL A 43 8.16 -7.62 -11.11
CA VAL A 43 8.80 -8.55 -10.19
C VAL A 43 8.51 -8.13 -8.75
N LEU A 44 8.36 -6.83 -8.54
CA LEU A 44 8.01 -6.30 -7.23
C LEU A 44 6.59 -6.68 -6.86
N LEU A 45 6.38 -7.00 -5.58
CA LEU A 45 5.07 -7.37 -5.09
C LEU A 45 5.04 -7.22 -3.57
N TYR A 46 4.33 -6.20 -3.12
CA TYR A 46 4.10 -5.92 -1.69
C TYR A 46 5.36 -5.38 -1.04
N GLU A 47 6.38 -6.24 -1.02
CA GLU A 47 7.73 -5.87 -0.62
C GLU A 47 7.89 -5.76 0.89
N LYS A 48 7.36 -4.68 1.44
CA LYS A 48 7.74 -4.27 2.79
C LYS A 48 6.55 -3.65 3.51
N THR A 49 6.83 -3.06 4.66
CA THR A 49 5.84 -2.27 5.39
C THR A 49 5.80 -0.86 4.83
N PHE A 50 4.67 -0.20 4.97
CA PHE A 50 4.50 1.12 4.40
C PHE A 50 4.13 2.14 5.45
N ASN A 51 4.82 3.27 5.42
CA ASN A 51 4.52 4.37 6.31
C ASN A 51 3.57 5.34 5.62
N VAL A 52 2.28 5.07 5.74
CA VAL A 52 1.24 5.89 5.13
C VAL A 52 1.03 7.14 5.96
N GLU A 53 1.42 8.28 5.41
CA GLU A 53 1.30 9.54 6.13
C GLU A 53 0.45 10.51 5.35
N VAL A 54 -0.59 10.98 6.01
CA VAL A 54 -1.52 11.90 5.42
C VAL A 54 -1.79 13.08 6.37
N PRO A 55 -1.39 14.30 5.95
CA PRO A 55 -1.49 15.49 6.80
C PRO A 55 -2.93 15.94 7.03
N GLU A 56 -3.81 15.70 6.06
CA GLU A 56 -5.20 16.14 6.16
C GLU A 56 -5.91 15.46 7.33
N ARG A 57 -5.97 14.14 7.29
CA ARG A 57 -6.68 13.38 8.30
C ARG A 57 -5.80 13.13 9.52
N ASP A 58 -4.57 13.62 9.44
CA ASP A 58 -3.56 13.43 10.49
C ASP A 58 -3.37 11.96 10.78
N LEU A 59 -2.57 11.31 9.95
CA LEU A 59 -2.28 9.90 10.13
C LEU A 59 -0.84 9.59 9.76
N ALA A 60 0.01 9.49 10.76
CA ALA A 60 1.33 8.94 10.58
C ALA A 60 1.26 7.45 10.87
N PHE A 61 0.82 6.69 9.87
CA PHE A 61 0.52 5.28 10.06
C PHE A 61 1.60 4.41 9.46
N ARG A 62 1.89 3.31 10.09
CA ARG A 62 2.86 2.36 9.59
C ARG A 62 2.25 0.98 9.56
N GLY A 63 1.62 0.65 8.43
CA GLY A 63 0.89 -0.59 8.33
C GLY A 63 1.69 -1.67 7.65
N GLU A 64 1.21 -2.88 7.73
CA GLU A 64 1.93 -4.00 7.15
C GLU A 64 1.23 -4.50 5.91
N MET A 65 2.01 -4.96 4.95
CA MET A 65 1.47 -5.59 3.78
C MET A 65 1.43 -7.08 4.03
N THR A 66 0.22 -7.64 4.07
CA THR A 66 0.04 -9.04 4.41
C THR A 66 0.70 -9.97 3.40
N ASN A 67 1.04 -9.42 2.23
CA ASN A 67 1.79 -10.15 1.22
C ASN A 67 1.00 -11.32 0.62
N TYR A 68 -0.28 -11.42 0.93
CA TYR A 68 -1.10 -12.51 0.42
C TYR A 68 -2.31 -11.97 -0.34
N SER A 69 -2.21 -10.72 -0.78
CA SER A 69 -3.30 -10.05 -1.47
C SER A 69 -3.52 -10.62 -2.87
N THR A 70 -2.51 -11.32 -3.39
CA THR A 70 -2.56 -11.93 -4.73
C THR A 70 -2.40 -10.84 -5.80
N SER A 71 -2.14 -9.63 -5.36
CA SER A 71 -1.88 -8.51 -6.26
C SER A 71 -0.37 -8.44 -6.54
N LEU A 72 0.06 -7.43 -7.30
CA LEU A 72 1.48 -7.25 -7.60
C LEU A 72 1.85 -5.78 -7.47
N THR A 73 3.10 -5.44 -7.80
CA THR A 73 3.55 -4.05 -7.84
C THR A 73 3.81 -3.50 -6.43
N ASN A 74 4.42 -2.32 -6.33
CA ASN A 74 4.82 -1.78 -5.04
C ASN A 74 4.73 -0.25 -5.01
N LEU A 75 5.54 0.40 -5.84
CA LEU A 75 5.57 1.86 -5.90
C LEU A 75 5.76 2.30 -7.34
N TYR A 76 6.43 3.45 -7.52
CA TYR A 76 6.81 3.98 -8.81
C TYR A 76 5.72 4.84 -9.42
N GLU A 77 6.19 5.96 -9.96
CA GLU A 77 5.39 6.97 -10.65
C GLU A 77 4.07 6.45 -11.23
N PRO A 78 2.94 6.93 -10.67
CA PRO A 78 1.62 6.58 -11.13
C PRO A 78 1.18 7.43 -12.32
N GLY A 79 1.06 6.81 -13.48
CA GLY A 79 0.57 7.51 -14.64
C GLY A 79 -0.92 7.32 -14.81
N ALA A 80 -1.30 6.41 -15.71
CA ALA A 80 -2.70 6.04 -15.91
C ALA A 80 -2.78 4.73 -16.66
N VAL A 81 -1.89 3.82 -16.32
CA VAL A 81 -1.70 2.60 -17.11
C VAL A 81 -2.12 1.34 -16.37
N SER A 82 -1.18 0.74 -15.66
CA SER A 82 -1.40 -0.54 -15.02
C SER A 82 -1.95 -0.35 -13.62
N GLU A 83 -3.27 -0.36 -13.50
CA GLU A 83 -3.93 -0.23 -12.21
C GLU A 83 -3.65 -1.45 -11.34
N PHE A 84 -2.88 -1.25 -10.28
CA PHE A 84 -2.50 -2.32 -9.39
C PHE A 84 -2.97 -2.08 -7.95
N TYR A 85 -2.86 -3.10 -7.13
CA TYR A 85 -3.34 -3.06 -5.76
C TYR A 85 -2.20 -2.89 -4.79
N ILE A 86 -2.28 -1.87 -3.98
CA ILE A 86 -1.49 -1.80 -2.77
C ILE A 86 -2.44 -1.62 -1.61
N GLU A 87 -3.05 -2.72 -1.17
CA GLU A 87 -3.98 -2.66 -0.05
C GLU A 87 -3.27 -3.02 1.24
N ILE A 88 -3.07 -2.02 2.07
CA ILE A 88 -2.37 -2.19 3.32
C ILE A 88 -3.35 -2.33 4.46
N THR A 89 -3.26 -3.42 5.19
CA THR A 89 -4.16 -3.70 6.28
C THR A 89 -3.71 -2.99 7.56
N GLU A 90 -4.69 -2.57 8.36
CA GLU A 90 -4.42 -2.01 9.68
C GLU A 90 -3.56 -3.00 10.48
N ILE A 91 -2.33 -2.60 10.73
CA ILE A 91 -1.32 -3.47 11.32
C ILE A 91 -1.76 -4.06 12.66
N ASP A 92 -1.56 -5.37 12.80
CA ASP A 92 -1.78 -6.05 14.07
C ASP A 92 -0.44 -6.46 14.67
N LYS A 93 -0.47 -6.88 15.91
CA LYS A 93 0.73 -7.39 16.56
C LYS A 93 0.73 -8.92 16.46
N ASN A 94 -0.09 -9.40 15.55
CA ASN A 94 -0.24 -10.82 15.30
C ASN A 94 1.06 -11.42 14.77
N ALA A 95 1.65 -10.73 13.79
CA ALA A 95 2.86 -11.21 13.15
C ALA A 95 4.09 -10.90 13.98
N ASP A 96 4.49 -11.87 14.79
CA ASP A 96 5.70 -11.80 15.61
C ASP A 96 5.59 -10.73 16.71
N SER A 97 6.49 -10.83 17.68
CA SER A 97 6.48 -9.94 18.81
C SER A 97 7.87 -9.40 19.12
N LEU A 98 8.74 -9.45 18.12
CA LEU A 98 10.10 -8.98 18.26
C LEU A 98 10.24 -7.61 17.63
N GLU A 99 10.93 -6.71 18.31
CA GLU A 99 11.16 -5.37 17.78
C GLU A 99 12.25 -5.41 16.72
N HIS A 100 11.92 -5.95 15.55
CA HIS A 100 12.86 -6.03 14.45
C HIS A 100 13.05 -4.65 13.81
N HIS A 101 13.80 -3.81 14.50
CA HIS A 101 14.10 -2.47 14.03
C HIS A 101 15.61 -2.30 13.89
N HIS A 102 16.11 -2.56 12.69
CA HIS A 102 17.50 -2.29 12.36
C HIS A 102 17.77 -2.55 10.89
N HIS A 103 17.55 -1.55 10.07
CA HIS A 103 17.91 -1.63 8.66
C HIS A 103 19.12 -0.74 8.43
N HIS A 104 18.89 0.56 8.46
CA HIS A 104 19.96 1.54 8.54
C HIS A 104 19.56 2.64 9.51
N HIS A 105 18.43 2.41 10.16
CA HIS A 105 17.89 3.31 11.17
C HIS A 105 17.26 2.49 12.27
N MET A 1 -11.76 10.68 -2.66
CA MET A 1 -10.55 9.84 -2.46
C MET A 1 -9.44 10.65 -1.80
N VAL A 2 -8.38 9.95 -1.43
CA VAL A 2 -7.17 10.59 -0.94
C VAL A 2 -6.26 10.90 -2.13
N LYS A 3 -5.67 12.08 -2.15
CA LYS A 3 -4.86 12.48 -3.28
C LYS A 3 -3.38 12.33 -2.97
N THR A 4 -2.97 12.79 -1.80
CA THR A 4 -1.57 12.78 -1.43
C THR A 4 -1.24 11.55 -0.58
N LEU A 5 -0.70 10.53 -1.21
CA LEU A 5 -0.27 9.35 -0.49
C LEU A 5 1.24 9.21 -0.56
N ARG A 6 1.82 8.62 0.49
CA ARG A 6 3.25 8.36 0.53
C ARG A 6 3.50 7.03 1.26
N LEU A 7 4.24 6.14 0.60
CA LEU A 7 4.56 4.85 1.18
C LEU A 7 6.07 4.64 1.18
N ASN A 8 6.65 4.53 2.37
CA ASN A 8 8.09 4.29 2.53
C ASN A 8 8.90 5.37 1.83
N ASN A 9 8.69 6.63 2.25
CA ASN A 9 9.42 7.79 1.73
C ASN A 9 9.01 8.16 0.30
N VAL A 10 8.35 7.25 -0.39
CA VAL A 10 7.98 7.46 -1.78
C VAL A 10 6.53 7.89 -1.90
N THR A 11 6.31 9.07 -2.45
CA THR A 11 4.96 9.54 -2.68
C THR A 11 4.31 8.72 -3.80
N LEU A 12 3.02 8.49 -3.69
CA LEU A 12 2.34 7.61 -4.61
C LEU A 12 1.03 8.21 -5.09
N GLU A 13 0.66 7.88 -6.32
CA GLU A 13 -0.63 8.26 -6.86
C GLU A 13 -1.40 7.00 -7.22
N MET A 14 -2.72 7.07 -7.16
CA MET A 14 -3.56 5.90 -7.30
C MET A 14 -4.66 6.18 -8.30
N ALA A 15 -5.14 5.15 -8.94
CA ALA A 15 -6.22 5.29 -9.88
C ALA A 15 -7.55 5.00 -9.20
N ALA A 16 -7.57 3.90 -8.45
CA ALA A 16 -8.74 3.56 -7.67
C ALA A 16 -8.35 3.33 -6.22
N TYR A 17 -8.33 4.41 -5.46
CA TYR A 17 -8.01 4.35 -4.05
C TYR A 17 -9.25 3.98 -3.25
N GLN A 18 -9.42 2.69 -2.98
CA GLN A 18 -10.58 2.20 -2.26
C GLN A 18 -10.23 1.87 -0.82
N GLU A 19 -10.48 2.82 0.06
CA GLU A 19 -10.21 2.61 1.47
C GLU A 19 -11.52 2.37 2.20
N GLU A 20 -11.58 1.25 2.88
CA GLU A 20 -12.80 0.84 3.58
C GLU A 20 -12.53 0.72 5.06
N SER A 21 -13.10 1.63 5.82
CA SER A 21 -12.83 1.74 7.24
C SER A 21 -13.88 1.02 8.09
N GLU A 22 -14.72 0.23 7.44
CA GLU A 22 -15.85 -0.34 8.15
C GLU A 22 -15.59 -1.60 8.89
N PRO A 23 -15.14 -2.66 8.24
CA PRO A 23 -14.84 -3.85 8.99
C PRO A 23 -13.60 -3.61 9.85
N LYS A 24 -12.82 -2.65 9.39
CA LYS A 24 -11.56 -2.23 9.97
C LYS A 24 -11.03 -1.17 9.04
N ARG A 25 -9.95 -0.49 9.36
CA ARG A 25 -9.37 0.43 8.39
C ARG A 25 -8.50 -0.33 7.40
N LYS A 26 -9.01 -0.46 6.18
CA LYS A 26 -8.38 -1.26 5.15
C LYS A 26 -8.09 -0.40 3.92
N ILE A 27 -6.82 -0.23 3.61
CA ILE A 27 -6.40 0.59 2.48
C ILE A 27 -6.13 -0.29 1.26
N ALA A 28 -7.09 -0.34 0.34
CA ALA A 28 -6.93 -1.11 -0.88
C ALA A 28 -6.79 -0.16 -2.08
N PHE A 29 -5.56 0.11 -2.47
CA PHE A 29 -5.33 1.03 -3.56
C PHE A 29 -5.02 0.29 -4.86
N THR A 30 -5.66 0.72 -5.92
CA THR A 30 -5.43 0.15 -7.24
C THR A 30 -4.49 1.06 -8.04
N LEU A 31 -3.31 0.54 -8.34
CA LEU A 31 -2.32 1.29 -9.09
C LEU A 31 -2.34 0.86 -10.55
N ASN A 32 -2.53 1.81 -11.45
CA ASN A 32 -2.58 1.52 -12.87
C ASN A 32 -1.17 1.35 -13.42
N VAL A 33 -0.83 0.12 -13.74
CA VAL A 33 0.49 -0.20 -14.26
C VAL A 33 0.57 0.14 -15.74
N THR A 34 1.42 1.09 -16.06
CA THR A 34 1.67 1.43 -17.45
C THR A 34 3.11 1.08 -17.80
N SER A 35 3.45 1.13 -19.08
CA SER A 35 4.80 0.83 -19.52
C SER A 35 5.78 1.78 -18.84
N GLU A 36 5.29 2.97 -18.49
CA GLU A 36 6.06 3.97 -17.80
C GLU A 36 6.43 3.52 -16.38
N THR A 37 5.41 3.26 -15.56
CA THR A 37 5.63 2.92 -14.17
C THR A 37 6.10 1.48 -14.00
N TYR A 38 5.85 0.66 -15.03
CA TYR A 38 6.20 -0.76 -15.01
C TYR A 38 7.59 -1.03 -14.46
N HIS A 39 8.56 -0.18 -14.85
CA HIS A 39 9.95 -0.37 -14.46
C HIS A 39 10.12 -0.36 -12.94
N ASP A 40 9.23 0.35 -12.25
CA ASP A 40 9.30 0.45 -10.80
C ASP A 40 8.31 -0.49 -10.14
N ILE A 41 7.12 -0.61 -10.74
CA ILE A 41 6.05 -1.44 -10.17
C ILE A 41 6.44 -2.92 -10.16
N ALA A 42 7.34 -3.30 -11.06
CA ALA A 42 7.81 -4.69 -11.12
C ALA A 42 8.70 -5.02 -9.93
N VAL A 43 9.10 -3.98 -9.20
CA VAL A 43 9.85 -4.17 -7.96
C VAL A 43 8.89 -4.09 -6.78
N LEU A 44 7.84 -3.28 -6.94
CA LEU A 44 6.84 -3.09 -5.92
C LEU A 44 5.68 -4.07 -6.11
N LEU A 45 5.88 -5.30 -5.70
CA LEU A 45 4.86 -6.32 -5.82
C LEU A 45 4.63 -7.00 -4.49
N TYR A 46 3.68 -6.45 -3.74
CA TYR A 46 3.33 -6.96 -2.42
C TYR A 46 4.53 -6.94 -1.49
N GLU A 47 4.80 -5.80 -0.91
CA GLU A 47 5.90 -5.70 0.02
C GLU A 47 5.47 -6.14 1.40
N LYS A 48 6.32 -5.88 2.36
CA LYS A 48 6.16 -6.40 3.69
C LYS A 48 5.65 -5.33 4.63
N THR A 49 6.41 -4.25 4.76
CA THR A 49 5.99 -3.15 5.61
C THR A 49 5.85 -1.86 4.80
N PHE A 50 4.65 -1.31 4.79
CA PHE A 50 4.40 -0.04 4.14
C PHE A 50 4.22 1.07 5.17
N ASN A 51 5.17 1.99 5.24
CA ASN A 51 5.02 3.16 6.08
C ASN A 51 4.01 4.10 5.45
N VAL A 52 2.77 4.02 5.90
CA VAL A 52 1.69 4.80 5.32
C VAL A 52 1.69 6.21 5.86
N GLU A 53 1.72 7.17 4.96
CA GLU A 53 1.70 8.57 5.34
C GLU A 53 0.76 9.34 4.44
N VAL A 54 -0.14 10.08 5.07
CA VAL A 54 -1.15 10.82 4.35
C VAL A 54 -1.43 12.16 5.03
N PRO A 55 -1.16 13.28 4.32
CA PRO A 55 -1.32 14.64 4.84
C PRO A 55 -2.77 15.00 5.16
N GLU A 56 -3.68 14.79 4.20
CA GLU A 56 -5.09 15.17 4.35
C GLU A 56 -5.70 14.70 5.68
N ARG A 57 -5.41 13.47 6.07
CA ARG A 57 -5.96 12.93 7.31
C ARG A 57 -4.90 12.92 8.42
N ASP A 58 -3.71 13.41 8.09
CA ASP A 58 -2.55 13.41 8.99
C ASP A 58 -2.40 12.05 9.68
N LEU A 59 -2.15 11.04 8.88
CA LEU A 59 -2.04 9.68 9.39
C LEU A 59 -0.66 9.12 9.05
N ALA A 60 0.01 8.56 10.04
CA ALA A 60 1.32 7.97 9.84
C ALA A 60 1.49 6.72 10.70
N PHE A 61 1.58 5.58 10.05
CA PHE A 61 1.83 4.32 10.73
C PHE A 61 2.42 3.33 9.73
N ARG A 62 3.20 2.38 10.21
CA ARG A 62 3.77 1.39 9.32
C ARG A 62 2.82 0.21 9.21
N GLY A 63 1.90 0.29 8.25
CA GLY A 63 0.98 -0.79 8.03
C GLY A 63 1.60 -1.89 7.21
N GLU A 64 1.68 -3.07 7.78
CA GLU A 64 2.32 -4.16 7.09
C GLU A 64 1.33 -4.83 6.14
N MET A 65 1.84 -5.38 5.06
CA MET A 65 1.02 -5.99 4.04
C MET A 65 1.22 -7.49 4.05
N THR A 66 0.14 -8.21 4.28
CA THR A 66 0.19 -9.65 4.42
C THR A 66 -1.01 -10.26 3.71
N ASN A 67 -1.54 -9.51 2.74
CA ASN A 67 -2.76 -9.91 2.07
C ASN A 67 -2.50 -10.36 0.63
N TYR A 68 -3.41 -11.14 0.09
CA TYR A 68 -3.32 -11.60 -1.29
C TYR A 68 -4.60 -11.20 -2.03
N SER A 69 -4.54 -10.06 -2.70
CA SER A 69 -5.71 -9.52 -3.36
C SER A 69 -5.51 -9.44 -4.86
N THR A 70 -4.59 -10.27 -5.36
CA THR A 70 -4.22 -10.30 -6.77
C THR A 70 -5.44 -10.27 -7.68
N SER A 71 -5.56 -9.21 -8.47
CA SER A 71 -6.68 -9.06 -9.37
C SER A 71 -6.36 -9.61 -10.76
N LEU A 72 -5.79 -8.78 -11.63
CA LEU A 72 -5.48 -9.19 -13.00
C LEU A 72 -4.00 -9.01 -13.30
N THR A 73 -3.28 -8.36 -12.40
CA THR A 73 -1.86 -8.10 -12.61
C THR A 73 -1.04 -9.38 -12.45
N ASN A 74 -1.46 -10.23 -11.52
CA ASN A 74 -0.80 -11.53 -11.25
C ASN A 74 0.57 -11.35 -10.58
N LEU A 75 1.13 -10.14 -10.67
CA LEU A 75 2.45 -9.82 -10.13
C LEU A 75 3.55 -10.48 -10.95
N TYR A 76 4.74 -9.86 -10.94
CA TYR A 76 5.90 -10.29 -11.74
C TYR A 76 5.55 -10.59 -13.21
N GLU A 77 4.47 -10.00 -13.67
CA GLU A 77 4.03 -10.16 -15.05
C GLU A 77 4.34 -8.90 -15.86
N PRO A 78 5.00 -9.06 -17.01
CA PRO A 78 5.29 -7.95 -17.91
C PRO A 78 4.05 -7.46 -18.65
N GLY A 79 3.52 -6.32 -18.23
CA GLY A 79 2.32 -5.79 -18.84
C GLY A 79 2.50 -4.35 -19.28
N ALA A 80 1.60 -3.89 -20.15
CA ALA A 80 1.62 -2.52 -20.62
C ALA A 80 0.58 -1.69 -19.89
N VAL A 81 -0.56 -2.30 -19.62
CA VAL A 81 -1.62 -1.67 -18.83
C VAL A 81 -2.22 -2.68 -17.89
N SER A 82 -2.07 -2.48 -16.61
CA SER A 82 -2.62 -3.41 -15.65
C SER A 82 -3.03 -2.69 -14.37
N GLU A 83 -3.68 -3.41 -13.46
CA GLU A 83 -4.10 -2.84 -12.18
C GLU A 83 -3.47 -3.60 -11.01
N PHE A 84 -2.55 -2.94 -10.31
CA PHE A 84 -1.95 -3.54 -9.11
C PHE A 84 -2.88 -3.37 -7.93
N TYR A 85 -3.39 -4.49 -7.45
CA TYR A 85 -4.32 -4.51 -6.35
C TYR A 85 -3.57 -4.78 -5.06
N ILE A 86 -3.20 -3.73 -4.34
CA ILE A 86 -2.45 -3.89 -3.11
C ILE A 86 -3.30 -3.44 -1.92
N GLU A 87 -3.81 -4.42 -1.19
CA GLU A 87 -4.70 -4.17 -0.07
C GLU A 87 -3.95 -4.29 1.26
N ILE A 88 -3.86 -3.18 1.98
CA ILE A 88 -3.14 -3.15 3.25
C ILE A 88 -4.13 -3.01 4.40
N THR A 89 -4.07 -3.95 5.33
CA THR A 89 -4.88 -3.90 6.52
C THR A 89 -4.10 -3.30 7.69
N GLU A 90 -4.70 -2.32 8.36
CA GLU A 90 -4.05 -1.64 9.48
C GLU A 90 -3.68 -2.64 10.58
N ILE A 91 -2.48 -2.47 11.13
CA ILE A 91 -2.02 -3.30 12.22
C ILE A 91 -2.59 -2.83 13.55
N ASP A 92 -2.63 -3.71 14.53
CA ASP A 92 -3.37 -3.47 15.75
C ASP A 92 -2.48 -2.96 16.88
N LYS A 93 -3.08 -2.84 18.06
CA LYS A 93 -2.37 -2.35 19.24
C LYS A 93 -1.71 -3.51 19.98
N ASN A 94 -1.69 -4.65 19.33
CA ASN A 94 -1.17 -5.88 19.91
C ASN A 94 0.34 -5.81 20.10
N ALA A 95 0.99 -5.02 19.26
CA ALA A 95 2.43 -4.80 19.39
C ALA A 95 2.70 -3.81 20.53
N ASP A 96 2.32 -2.56 20.30
CA ASP A 96 2.45 -1.50 21.31
C ASP A 96 3.91 -1.27 21.68
N SER A 97 4.13 -0.47 22.70
CA SER A 97 5.46 -0.15 23.17
C SER A 97 5.49 -0.12 24.70
N LEU A 98 4.53 -0.79 25.29
CA LEU A 98 4.40 -0.86 26.75
C LEU A 98 5.57 -1.65 27.34
N GLU A 99 6.08 -1.20 28.48
CA GLU A 99 7.25 -1.80 29.09
C GLU A 99 7.00 -3.27 29.49
N HIS A 100 8.01 -4.10 29.28
CA HIS A 100 7.94 -5.52 29.64
C HIS A 100 9.35 -6.13 29.61
N HIS A 101 9.80 -6.62 30.77
CA HIS A 101 11.14 -7.20 30.89
C HIS A 101 11.08 -8.62 31.44
N HIS A 102 12.26 -9.16 31.76
CA HIS A 102 12.39 -10.46 32.41
C HIS A 102 12.00 -11.61 31.48
N HIS A 103 10.73 -11.97 31.51
CA HIS A 103 10.25 -13.15 30.82
C HIS A 103 8.94 -12.82 30.11
N HIS A 104 8.77 -13.35 28.91
CA HIS A 104 7.52 -13.15 28.19
C HIS A 104 6.46 -14.05 28.78
N HIS A 105 5.54 -13.44 29.53
CA HIS A 105 4.54 -14.16 30.32
C HIS A 105 5.23 -14.90 31.46
N MET A 1 -11.11 8.56 -0.11
CA MET A 1 -10.63 8.37 -1.50
C MET A 1 -9.11 8.48 -1.55
N VAL A 2 -8.59 9.60 -1.04
CA VAL A 2 -7.15 9.85 -1.01
C VAL A 2 -6.60 10.18 -2.39
N LYS A 3 -5.93 11.33 -2.48
CA LYS A 3 -5.22 11.70 -3.70
C LYS A 3 -3.74 11.90 -3.39
N THR A 4 -3.44 12.82 -2.48
CA THR A 4 -2.07 13.08 -2.10
C THR A 4 -1.57 12.02 -1.12
N LEU A 5 -0.93 10.98 -1.65
CA LEU A 5 -0.43 9.88 -0.84
C LEU A 5 1.09 9.79 -0.97
N ARG A 6 1.76 9.46 0.12
CA ARG A 6 3.19 9.27 0.10
C ARG A 6 3.59 8.16 1.08
N LEU A 7 3.95 7.00 0.53
CA LEU A 7 4.32 5.86 1.35
C LEU A 7 5.82 5.88 1.64
N ASN A 8 6.16 6.25 2.87
CA ASN A 8 7.55 6.30 3.32
C ASN A 8 8.41 7.12 2.37
N ASN A 9 8.12 8.42 2.30
CA ASN A 9 8.90 9.37 1.49
C ASN A 9 8.65 9.20 -0.02
N VAL A 10 8.02 8.10 -0.40
CA VAL A 10 7.75 7.83 -1.80
C VAL A 10 6.37 8.31 -2.21
N THR A 11 6.34 9.32 -3.06
CA THR A 11 5.09 9.90 -3.50
C THR A 11 4.34 8.92 -4.41
N LEU A 12 3.08 8.66 -4.09
CA LEU A 12 2.33 7.64 -4.80
C LEU A 12 0.97 8.16 -5.24
N GLU A 13 0.52 7.70 -6.39
CA GLU A 13 -0.79 8.05 -6.91
C GLU A 13 -1.56 6.77 -7.25
N MET A 14 -2.87 6.87 -7.36
CA MET A 14 -3.72 5.71 -7.50
C MET A 14 -4.79 5.97 -8.55
N ALA A 15 -5.52 4.92 -8.87
CA ALA A 15 -6.64 5.04 -9.77
C ALA A 15 -7.90 4.56 -9.06
N ALA A 16 -7.85 3.36 -8.52
CA ALA A 16 -8.93 2.83 -7.71
C ALA A 16 -8.46 2.56 -6.29
N TYR A 17 -8.45 3.60 -5.48
CA TYR A 17 -8.08 3.50 -4.08
C TYR A 17 -9.28 3.07 -3.24
N GLN A 18 -9.43 1.78 -3.00
CA GLN A 18 -10.55 1.26 -2.23
C GLN A 18 -10.17 1.14 -0.77
N GLU A 19 -10.80 1.91 0.08
CA GLU A 19 -10.48 1.89 1.50
C GLU A 19 -11.59 1.23 2.32
N GLU A 20 -11.23 0.18 3.03
CA GLU A 20 -12.13 -0.45 3.99
C GLU A 20 -11.85 0.12 5.37
N SER A 21 -12.70 1.01 5.84
CA SER A 21 -12.48 1.71 7.08
C SER A 21 -13.43 1.23 8.17
N GLU A 22 -14.19 0.17 7.88
CA GLU A 22 -15.16 -0.33 8.83
C GLU A 22 -14.63 -1.44 9.68
N PRO A 23 -14.27 -2.58 9.10
CA PRO A 23 -13.89 -3.71 9.91
C PRO A 23 -12.51 -3.51 10.51
N LYS A 24 -11.84 -2.49 9.99
CA LYS A 24 -10.49 -2.13 10.37
C LYS A 24 -10.09 -0.96 9.51
N ARG A 25 -8.80 -0.65 9.47
CA ARG A 25 -8.29 0.28 8.49
C ARG A 25 -7.49 -0.46 7.44
N LYS A 26 -8.13 -0.71 6.31
CA LYS A 26 -7.55 -1.50 5.24
C LYS A 26 -7.62 -0.75 3.92
N ILE A 27 -6.48 -0.31 3.42
CA ILE A 27 -6.43 0.47 2.20
C ILE A 27 -5.97 -0.36 1.01
N ALA A 28 -6.91 -0.66 0.12
CA ALA A 28 -6.62 -1.47 -1.05
C ALA A 28 -6.62 -0.61 -2.30
N PHE A 29 -5.44 -0.15 -2.69
CA PHE A 29 -5.35 0.69 -3.87
C PHE A 29 -4.93 -0.11 -5.09
N THR A 30 -5.67 0.10 -6.17
CA THR A 30 -5.38 -0.49 -7.45
C THR A 30 -4.64 0.51 -8.32
N LEU A 31 -3.47 0.12 -8.80
CA LEU A 31 -2.58 1.03 -9.51
C LEU A 31 -2.36 0.56 -10.94
N ASN A 32 -2.43 1.50 -11.88
CA ASN A 32 -2.21 1.20 -13.29
C ASN A 32 -0.74 1.01 -13.60
N VAL A 33 -0.31 -0.23 -13.73
CA VAL A 33 1.05 -0.51 -14.19
C VAL A 33 1.09 -0.46 -15.71
N THR A 34 1.48 0.69 -16.24
CA THR A 34 1.52 0.91 -17.67
C THR A 34 2.95 0.82 -18.18
N SER A 35 3.18 1.25 -19.41
CA SER A 35 4.51 1.21 -20.00
C SER A 35 5.49 2.11 -19.24
N GLU A 36 4.97 3.09 -18.53
CA GLU A 36 5.80 4.04 -17.80
C GLU A 36 6.00 3.59 -16.35
N THR A 37 4.90 3.30 -15.67
CA THR A 37 4.92 2.96 -14.26
C THR A 37 5.37 1.52 -14.03
N TYR A 38 5.68 0.83 -15.12
CA TYR A 38 6.10 -0.56 -15.08
C TYR A 38 7.40 -0.75 -14.28
N HIS A 39 8.30 0.21 -14.43
CA HIS A 39 9.68 0.05 -13.96
C HIS A 39 9.78 -0.29 -12.48
N ASP A 40 9.51 0.69 -11.63
CA ASP A 40 9.76 0.56 -10.20
C ASP A 40 8.69 -0.28 -9.51
N ILE A 41 7.47 -0.17 -10.00
CA ILE A 41 6.33 -0.81 -9.36
C ILE A 41 6.32 -2.31 -9.60
N ALA A 42 7.05 -2.76 -10.62
CA ALA A 42 7.21 -4.18 -10.87
C ALA A 42 8.25 -4.78 -9.93
N VAL A 43 9.01 -3.91 -9.27
CA VAL A 43 10.05 -4.35 -8.35
C VAL A 43 9.52 -4.42 -6.92
N LEU A 44 8.64 -3.49 -6.57
CA LEU A 44 8.08 -3.46 -5.22
C LEU A 44 6.87 -4.38 -5.14
N LEU A 45 6.93 -5.35 -4.24
CA LEU A 45 5.89 -6.34 -4.12
C LEU A 45 5.62 -6.60 -2.64
N TYR A 46 4.66 -5.84 -2.10
CA TYR A 46 4.22 -5.96 -0.69
C TYR A 46 5.36 -5.71 0.31
N GLU A 47 6.22 -6.70 0.41
CA GLU A 47 7.25 -6.80 1.42
C GLU A 47 6.63 -7.02 2.81
N LYS A 48 6.25 -5.94 3.47
CA LYS A 48 5.68 -6.03 4.81
C LYS A 48 5.05 -4.70 5.26
N THR A 49 5.83 -3.85 5.91
CA THR A 49 5.31 -2.66 6.55
C THR A 49 5.52 -1.41 5.69
N PHE A 50 4.42 -0.76 5.35
CA PHE A 50 4.48 0.53 4.68
C PHE A 50 4.08 1.64 5.64
N ASN A 51 4.93 2.62 5.78
CA ASN A 51 4.61 3.80 6.56
C ASN A 51 3.68 4.70 5.77
N VAL A 52 2.38 4.51 5.98
CA VAL A 52 1.35 5.22 5.23
C VAL A 52 1.17 6.61 5.79
N GLU A 53 1.80 7.58 5.14
CA GLU A 53 1.64 8.96 5.53
C GLU A 53 0.91 9.71 4.45
N VAL A 54 -0.32 10.01 4.73
CA VAL A 54 -1.17 10.68 3.79
C VAL A 54 -1.47 12.11 4.28
N PRO A 55 -0.79 13.10 3.70
CA PRO A 55 -1.00 14.51 4.06
C PRO A 55 -2.36 15.01 3.62
N GLU A 56 -2.98 14.25 2.72
CA GLU A 56 -4.30 14.55 2.20
C GLU A 56 -5.32 14.61 3.35
N ARG A 57 -5.26 13.62 4.23
CA ARG A 57 -6.20 13.52 5.33
C ARG A 57 -5.49 13.67 6.67
N ASP A 58 -4.20 14.01 6.59
CA ASP A 58 -3.30 14.05 7.74
C ASP A 58 -3.37 12.76 8.55
N LEU A 59 -2.78 11.71 7.99
CA LEU A 59 -2.72 10.42 8.66
C LEU A 59 -1.32 9.85 8.52
N ALA A 60 -0.63 9.71 9.63
CA ALA A 60 0.70 9.15 9.63
C ALA A 60 0.72 7.84 10.41
N PHE A 61 0.50 6.74 9.70
CA PHE A 61 0.37 5.44 10.34
C PHE A 61 1.04 4.36 9.51
N ARG A 62 1.81 3.52 10.17
CA ARG A 62 2.54 2.47 9.48
C ARG A 62 1.82 1.13 9.62
N GLY A 63 1.27 0.65 8.51
CA GLY A 63 0.55 -0.60 8.51
C GLY A 63 1.37 -1.72 7.90
N GLU A 64 0.75 -2.86 7.68
CA GLU A 64 1.45 -4.02 7.15
C GLU A 64 0.64 -4.74 6.09
N MET A 65 1.32 -5.31 5.13
CA MET A 65 0.70 -6.18 4.15
C MET A 65 0.50 -7.56 4.77
N THR A 66 -0.72 -7.89 5.11
CA THR A 66 -1.01 -9.11 5.83
C THR A 66 -1.17 -10.30 4.90
N ASN A 67 -1.27 -10.03 3.60
CA ASN A 67 -1.56 -11.08 2.65
C ASN A 67 -1.08 -10.73 1.25
N TYR A 68 -1.11 -11.72 0.38
CA TYR A 68 -0.77 -11.55 -1.03
C TYR A 68 -1.95 -12.00 -1.88
N SER A 69 -2.35 -11.19 -2.84
CA SER A 69 -3.53 -11.50 -3.63
C SER A 69 -3.38 -10.98 -5.06
N THR A 70 -3.53 -11.88 -6.02
CA THR A 70 -3.46 -11.52 -7.43
C THR A 70 -4.87 -11.37 -8.01
N SER A 71 -5.39 -10.15 -7.98
CA SER A 71 -6.73 -9.89 -8.49
C SER A 71 -6.68 -9.47 -9.96
N LEU A 72 -5.57 -8.88 -10.38
CA LEU A 72 -5.42 -8.45 -11.77
C LEU A 72 -3.98 -8.72 -12.22
N THR A 73 -3.04 -7.99 -11.64
CA THR A 73 -1.63 -8.20 -11.93
C THR A 73 -1.18 -9.57 -11.42
N ASN A 74 -0.15 -10.12 -12.07
CA ASN A 74 0.36 -11.43 -11.69
C ASN A 74 1.44 -11.27 -10.62
N LEU A 75 1.84 -10.03 -10.39
CA LEU A 75 2.91 -9.69 -9.45
C LEU A 75 4.13 -10.57 -9.66
N TYR A 76 4.74 -10.42 -10.83
CA TYR A 76 5.92 -11.16 -11.20
C TYR A 76 6.52 -10.53 -12.45
N GLU A 77 5.66 -10.27 -13.42
CA GLU A 77 6.05 -9.59 -14.65
C GLU A 77 4.81 -9.11 -15.39
N PRO A 78 4.40 -7.85 -15.15
CA PRO A 78 3.26 -7.25 -15.84
C PRO A 78 3.58 -6.88 -17.29
N GLY A 79 2.63 -6.27 -17.96
CA GLY A 79 2.84 -5.89 -19.35
C GLY A 79 2.46 -4.44 -19.61
N ALA A 80 1.17 -4.20 -19.77
CA ALA A 80 0.66 -2.86 -20.00
C ALA A 80 -0.76 -2.75 -19.45
N VAL A 81 -1.04 -1.64 -18.77
CA VAL A 81 -2.33 -1.42 -18.12
C VAL A 81 -2.59 -2.54 -17.13
N SER A 82 -1.61 -2.79 -16.29
CA SER A 82 -1.72 -3.87 -15.35
C SER A 82 -2.05 -3.35 -13.95
N GLU A 83 -3.28 -3.54 -13.53
CA GLU A 83 -3.73 -3.06 -12.23
C GLU A 83 -3.05 -3.81 -11.09
N PHE A 84 -2.14 -3.13 -10.39
CA PHE A 84 -1.44 -3.72 -9.26
C PHE A 84 -2.34 -3.73 -8.03
N TYR A 85 -2.11 -4.68 -7.15
CA TYR A 85 -2.99 -4.91 -6.02
C TYR A 85 -2.23 -4.79 -4.70
N ILE A 86 -2.40 -3.66 -4.02
CA ILE A 86 -1.77 -3.45 -2.72
C ILE A 86 -2.82 -3.09 -1.69
N GLU A 87 -3.18 -4.03 -0.83
CA GLU A 87 -4.15 -3.76 0.23
C GLU A 87 -3.48 -3.81 1.60
N ILE A 88 -3.12 -2.65 2.10
CA ILE A 88 -2.42 -2.54 3.37
C ILE A 88 -3.41 -2.49 4.51
N THR A 89 -3.29 -3.44 5.40
CA THR A 89 -4.12 -3.50 6.58
C THR A 89 -3.44 -2.86 7.77
N GLU A 90 -4.25 -2.38 8.70
CA GLU A 90 -3.74 -1.85 9.96
C GLU A 90 -2.86 -2.89 10.64
N ILE A 91 -1.74 -2.43 11.18
CA ILE A 91 -0.69 -3.31 11.69
C ILE A 91 -1.20 -4.28 12.77
N ASP A 92 -0.72 -5.51 12.72
CA ASP A 92 -1.05 -6.53 13.70
C ASP A 92 0.23 -6.96 14.43
N LYS A 93 0.24 -8.19 14.94
CA LYS A 93 1.41 -8.70 15.64
C LYS A 93 2.28 -9.53 14.68
N ASN A 94 2.02 -9.33 13.40
CA ASN A 94 2.71 -10.07 12.35
C ASN A 94 4.02 -9.38 12.01
N ALA A 95 4.00 -8.05 12.02
CA ALA A 95 5.13 -7.23 11.64
C ALA A 95 6.42 -7.62 12.38
N ASP A 96 6.28 -7.99 13.65
CA ASP A 96 7.44 -8.37 14.44
C ASP A 96 7.39 -9.83 14.83
N SER A 97 8.56 -10.33 15.15
CA SER A 97 8.81 -11.73 15.47
C SER A 97 10.30 -11.89 15.63
N LEU A 98 10.95 -10.74 15.76
CA LEU A 98 12.39 -10.65 15.81
C LEU A 98 13.01 -11.34 14.60
N GLU A 99 12.75 -10.78 13.43
CA GLU A 99 13.18 -11.36 12.17
C GLU A 99 14.70 -11.53 12.13
N HIS A 100 15.14 -12.67 11.62
CA HIS A 100 16.56 -13.01 11.54
C HIS A 100 17.19 -13.02 12.93
N HIS A 101 16.86 -14.05 13.71
CA HIS A 101 17.37 -14.19 15.06
C HIS A 101 18.89 -14.22 15.04
N HIS A 102 19.44 -14.96 14.10
CA HIS A 102 20.86 -14.87 13.78
C HIS A 102 21.00 -14.14 12.46
N HIS A 103 22.09 -13.44 12.27
CA HIS A 103 22.28 -12.63 11.06
C HIS A 103 22.33 -13.51 9.82
N HIS A 104 23.46 -14.19 9.61
CA HIS A 104 23.63 -15.09 8.46
C HIS A 104 25.04 -15.64 8.42
N HIS A 105 25.16 -16.92 8.15
CA HIS A 105 26.46 -17.54 7.96
C HIS A 105 26.34 -18.71 6.99
N MET A 1 -10.70 11.35 -1.05
CA MET A 1 -10.14 10.68 -2.24
C MET A 1 -8.64 10.43 -2.05
N VAL A 2 -8.02 11.23 -1.19
CA VAL A 2 -6.58 11.13 -0.93
C VAL A 2 -5.78 11.53 -2.16
N LYS A 3 -5.60 12.83 -2.34
CA LYS A 3 -4.84 13.35 -3.46
C LYS A 3 -3.35 13.30 -3.18
N THR A 4 -2.98 13.50 -1.92
CA THR A 4 -1.59 13.43 -1.53
C THR A 4 -1.33 12.25 -0.61
N LEU A 5 -0.83 11.17 -1.18
CA LEU A 5 -0.42 10.00 -0.41
C LEU A 5 1.06 9.74 -0.62
N ARG A 6 1.75 9.38 0.44
CA ARG A 6 3.15 9.01 0.34
C ARG A 6 3.46 7.81 1.21
N LEU A 7 4.29 6.92 0.69
CA LEU A 7 4.71 5.74 1.43
C LEU A 7 6.19 5.85 1.77
N ASN A 8 6.46 6.15 3.04
CA ASN A 8 7.82 6.37 3.52
C ASN A 8 8.49 7.49 2.73
N ASN A 9 7.95 8.70 2.88
CA ASN A 9 8.49 9.91 2.26
C ASN A 9 8.25 9.95 0.74
N VAL A 10 8.08 8.79 0.11
CA VAL A 10 7.93 8.73 -1.33
C VAL A 10 6.47 8.92 -1.72
N THR A 11 6.19 10.04 -2.37
CA THR A 11 4.84 10.36 -2.77
C THR A 11 4.36 9.38 -3.86
N LEU A 12 3.05 9.10 -3.86
CA LEU A 12 2.49 8.11 -4.75
C LEU A 12 1.14 8.57 -5.29
N GLU A 13 0.71 7.98 -6.40
CA GLU A 13 -0.60 8.25 -6.95
C GLU A 13 -1.34 6.94 -7.16
N MET A 14 -2.66 7.00 -7.13
CA MET A 14 -3.48 5.82 -7.23
C MET A 14 -4.54 6.02 -8.29
N ALA A 15 -4.87 4.96 -8.97
CA ALA A 15 -5.90 5.02 -10.00
C ALA A 15 -7.22 4.52 -9.44
N ALA A 16 -7.17 3.37 -8.78
CA ALA A 16 -8.32 2.84 -8.08
C ALA A 16 -8.02 2.74 -6.60
N TYR A 17 -8.28 3.83 -5.89
CA TYR A 17 -8.07 3.87 -4.45
C TYR A 17 -9.22 3.19 -3.72
N GLN A 18 -9.01 1.94 -3.30
CA GLN A 18 -10.00 1.18 -2.58
C GLN A 18 -9.64 1.10 -1.10
N GLU A 19 -10.37 1.81 -0.26
CA GLU A 19 -10.12 1.76 1.16
C GLU A 19 -11.35 1.29 1.92
N GLU A 20 -11.14 0.34 2.79
CA GLU A 20 -12.16 -0.11 3.73
C GLU A 20 -11.69 0.26 5.11
N SER A 21 -12.27 1.33 5.64
CA SER A 21 -11.75 1.99 6.83
C SER A 21 -12.43 1.50 8.11
N GLU A 22 -13.49 0.70 7.97
CA GLU A 22 -14.26 0.34 9.16
C GLU A 22 -14.22 -1.08 9.63
N PRO A 23 -13.84 -2.05 8.83
CA PRO A 23 -13.58 -3.32 9.42
C PRO A 23 -12.18 -3.36 10.01
N LYS A 24 -11.37 -2.44 9.48
CA LYS A 24 -10.01 -2.18 9.88
C LYS A 24 -9.54 -1.05 8.98
N ARG A 25 -8.29 -0.63 9.07
CA ARG A 25 -7.78 0.27 8.06
C ARG A 25 -7.15 -0.53 6.92
N LYS A 26 -7.99 -0.93 5.97
CA LYS A 26 -7.52 -1.71 4.84
C LYS A 26 -7.47 -0.83 3.60
N ILE A 27 -6.27 -0.44 3.23
CA ILE A 27 -6.07 0.38 2.05
C ILE A 27 -5.50 -0.46 0.91
N ALA A 28 -6.32 -0.66 -0.11
CA ALA A 28 -5.93 -1.44 -1.27
C ALA A 28 -5.96 -0.57 -2.51
N PHE A 29 -4.80 -0.12 -2.94
CA PHE A 29 -4.74 0.77 -4.09
C PHE A 29 -4.27 0.04 -5.34
N THR A 30 -5.00 0.29 -6.42
CA THR A 30 -4.63 -0.22 -7.72
C THR A 30 -3.74 0.81 -8.43
N LEU A 31 -2.49 0.46 -8.61
CA LEU A 31 -1.51 1.37 -9.21
C LEU A 31 -1.45 1.16 -10.72
N ASN A 32 -1.47 2.26 -11.47
CA ASN A 32 -1.46 2.19 -12.93
C ASN A 32 -0.05 1.89 -13.44
N VAL A 33 0.13 0.65 -13.87
CA VAL A 33 1.44 0.18 -14.34
C VAL A 33 1.41 -0.09 -15.84
N THR A 34 1.89 0.86 -16.62
CA THR A 34 1.97 0.65 -18.05
C THR A 34 3.32 0.06 -18.40
N SER A 35 3.44 -0.49 -19.60
CA SER A 35 4.68 -1.15 -20.02
C SER A 35 5.84 -0.17 -20.16
N GLU A 36 5.55 1.13 -20.05
CA GLU A 36 6.57 2.15 -20.20
C GLU A 36 7.22 2.47 -18.85
N THR A 37 6.58 2.06 -17.77
CA THR A 37 7.03 2.42 -16.44
C THR A 37 6.92 1.22 -15.49
N TYR A 38 6.66 0.05 -16.06
CA TYR A 38 6.38 -1.13 -15.26
C TYR A 38 7.63 -1.72 -14.64
N HIS A 39 8.79 -1.46 -15.25
CA HIS A 39 10.02 -2.14 -14.86
C HIS A 39 10.46 -1.70 -13.47
N ASP A 40 10.30 -0.42 -13.17
CA ASP A 40 10.65 0.11 -11.86
C ASP A 40 9.74 -0.47 -10.78
N ILE A 41 8.46 -0.56 -11.10
CA ILE A 41 7.46 -1.07 -10.18
C ILE A 41 7.57 -2.58 -10.04
N ALA A 42 8.17 -3.22 -11.04
CA ALA A 42 8.46 -4.64 -10.98
C ALA A 42 9.54 -4.93 -9.95
N VAL A 43 10.38 -3.92 -9.71
CA VAL A 43 11.40 -4.00 -8.68
C VAL A 43 10.78 -3.72 -7.33
N LEU A 44 9.92 -2.72 -7.28
CA LEU A 44 9.18 -2.38 -6.09
C LEU A 44 7.96 -3.29 -5.96
N LEU A 45 8.19 -4.54 -5.55
CA LEU A 45 7.17 -5.55 -5.59
C LEU A 45 6.62 -5.79 -4.18
N TYR A 46 5.59 -5.02 -3.86
CA TYR A 46 4.82 -5.09 -2.60
C TYR A 46 5.71 -5.41 -1.39
N GLU A 47 6.13 -4.36 -0.69
CA GLU A 47 6.99 -4.50 0.47
C GLU A 47 6.27 -5.12 1.66
N LYS A 48 7.05 -5.49 2.66
CA LYS A 48 6.56 -6.12 3.88
C LYS A 48 5.77 -5.14 4.75
N THR A 49 6.38 -4.02 5.08
CA THR A 49 5.75 -3.02 5.91
C THR A 49 5.80 -1.65 5.24
N PHE A 50 4.63 -1.02 5.13
CA PHE A 50 4.53 0.28 4.47
C PHE A 50 4.34 1.38 5.49
N ASN A 51 5.18 2.40 5.41
CA ASN A 51 5.04 3.57 6.25
C ASN A 51 4.10 4.56 5.58
N VAL A 52 2.81 4.39 5.81
CA VAL A 52 1.78 5.16 5.13
C VAL A 52 1.63 6.53 5.76
N GLU A 53 1.88 7.57 4.96
CA GLU A 53 1.76 8.94 5.42
C GLU A 53 0.79 9.69 4.54
N VAL A 54 -0.28 10.13 5.13
CA VAL A 54 -1.31 10.82 4.39
C VAL A 54 -1.70 12.13 5.08
N PRO A 55 -1.27 13.27 4.51
CA PRO A 55 -1.57 14.59 5.07
C PRO A 55 -3.04 14.96 4.97
N GLU A 56 -3.73 14.42 3.96
CA GLU A 56 -5.14 14.72 3.74
C GLU A 56 -5.99 14.17 4.88
N ARG A 57 -5.73 12.92 5.26
CA ARG A 57 -6.50 12.28 6.33
C ARG A 57 -5.80 12.49 7.66
N ASP A 58 -4.62 13.10 7.59
CA ASP A 58 -3.77 13.37 8.75
C ASP A 58 -3.48 12.06 9.49
N LEU A 59 -2.69 11.21 8.86
CA LEU A 59 -2.41 9.89 9.38
C LEU A 59 -0.97 9.48 9.09
N ALA A 60 -0.23 9.15 10.14
CA ALA A 60 1.11 8.59 10.00
C ALA A 60 1.11 7.18 10.58
N PHE A 61 1.00 6.20 9.72
CA PHE A 61 0.74 4.82 10.15
C PHE A 61 1.58 3.82 9.38
N ARG A 62 2.21 2.92 10.11
CA ARG A 62 3.00 1.87 9.49
C ARG A 62 2.19 0.58 9.44
N GLY A 63 1.73 0.22 8.26
CA GLY A 63 0.88 -0.93 8.12
C GLY A 63 1.63 -2.13 7.60
N GLU A 64 1.16 -3.31 7.94
CA GLU A 64 1.76 -4.54 7.48
C GLU A 64 0.92 -5.12 6.34
N MET A 65 1.58 -5.71 5.36
CA MET A 65 0.87 -6.26 4.23
C MET A 65 0.47 -7.71 4.51
N THR A 66 -0.83 -7.95 4.57
CA THR A 66 -1.33 -9.30 4.79
C THR A 66 -1.45 -10.02 3.45
N ASN A 67 -1.35 -9.24 2.38
CA ASN A 67 -1.46 -9.77 1.03
C ASN A 67 -0.23 -10.59 0.67
N TYR A 68 -0.40 -11.90 0.57
CA TYR A 68 0.68 -12.79 0.16
C TYR A 68 0.81 -12.81 -1.36
N SER A 69 -0.09 -12.08 -2.03
CA SER A 69 -0.08 -11.93 -3.48
C SER A 69 -0.37 -13.25 -4.19
N THR A 70 -1.64 -13.55 -4.34
CA THR A 70 -2.06 -14.67 -5.17
C THR A 70 -2.56 -14.15 -6.50
N SER A 71 -2.97 -12.89 -6.50
CA SER A 71 -3.40 -12.22 -7.72
C SER A 71 -2.19 -11.58 -8.41
N LEU A 72 -2.30 -11.39 -9.72
CA LEU A 72 -1.23 -10.79 -10.50
C LEU A 72 -1.41 -9.27 -10.54
N THR A 73 -0.89 -8.64 -11.59
CA THR A 73 -0.98 -7.20 -11.73
C THR A 73 -2.38 -6.78 -12.19
N ASN A 74 -3.36 -7.01 -11.34
CA ASN A 74 -4.72 -6.57 -11.57
C ASN A 74 -5.50 -6.57 -10.25
N LEU A 75 -6.14 -5.45 -9.95
CA LEU A 75 -6.92 -5.34 -8.72
C LEU A 75 -8.30 -4.79 -8.99
N TYR A 76 -9.26 -5.70 -8.96
CA TYR A 76 -10.68 -5.37 -9.00
C TYR A 76 -11.13 -4.94 -10.40
N GLU A 77 -10.54 -3.88 -10.90
CA GLU A 77 -10.89 -3.34 -12.19
C GLU A 77 -10.04 -4.01 -13.27
N PRO A 78 -10.67 -4.63 -14.27
CA PRO A 78 -9.97 -5.31 -15.35
C PRO A 78 -9.79 -4.44 -16.60
N GLY A 79 -8.68 -3.71 -16.67
CA GLY A 79 -8.40 -2.91 -17.84
C GLY A 79 -7.42 -3.59 -18.79
N ALA A 80 -6.73 -2.80 -19.60
CA ALA A 80 -5.73 -3.32 -20.53
C ALA A 80 -4.32 -3.03 -20.00
N VAL A 81 -4.20 -1.93 -19.26
CA VAL A 81 -2.97 -1.59 -18.57
C VAL A 81 -2.75 -2.56 -17.41
N SER A 82 -1.51 -2.72 -16.97
CA SER A 82 -1.25 -3.54 -15.81
C SER A 82 -1.61 -2.76 -14.55
N GLU A 83 -2.47 -3.31 -13.74
CA GLU A 83 -3.02 -2.59 -12.60
C GLU A 83 -2.56 -3.23 -11.29
N PHE A 84 -1.49 -2.68 -10.71
CA PHE A 84 -0.82 -3.28 -9.56
C PHE A 84 -1.76 -3.43 -8.37
N TYR A 85 -1.72 -4.61 -7.77
CA TYR A 85 -2.56 -4.96 -6.64
C TYR A 85 -1.79 -4.84 -5.34
N ILE A 86 -1.95 -3.71 -4.65
CA ILE A 86 -1.31 -3.49 -3.37
C ILE A 86 -2.35 -3.30 -2.26
N GLU A 87 -2.62 -4.35 -1.51
CA GLU A 87 -3.60 -4.30 -0.43
C GLU A 87 -2.91 -4.31 0.93
N ILE A 88 -3.05 -3.21 1.66
CA ILE A 88 -2.42 -3.06 2.96
C ILE A 88 -3.48 -3.20 4.06
N THR A 89 -3.06 -3.68 5.22
CA THR A 89 -3.98 -3.86 6.33
C THR A 89 -3.45 -3.17 7.58
N GLU A 90 -4.35 -2.67 8.40
CA GLU A 90 -3.99 -2.10 9.69
C GLU A 90 -3.23 -3.14 10.52
N ILE A 91 -2.06 -2.74 10.99
CA ILE A 91 -1.17 -3.64 11.71
C ILE A 91 -1.82 -4.18 12.97
N ASP A 92 -1.74 -5.49 13.18
CA ASP A 92 -2.22 -6.09 14.40
C ASP A 92 -1.06 -6.50 15.27
N LYS A 93 -1.34 -6.66 16.54
CA LYS A 93 -0.33 -7.10 17.49
C LYS A 93 -0.63 -8.51 17.93
N ASN A 94 -1.75 -8.98 17.43
CA ASN A 94 -2.29 -10.32 17.68
C ASN A 94 -2.72 -10.45 19.14
N ALA A 95 -1.77 -10.25 20.03
CA ALA A 95 -2.02 -10.18 21.45
C ALA A 95 -1.55 -8.81 21.94
N ASP A 96 -0.25 -8.60 21.86
CA ASP A 96 0.34 -7.30 22.12
C ASP A 96 1.76 -7.29 21.58
N SER A 97 2.52 -6.26 21.90
CA SER A 97 3.87 -6.12 21.39
C SER A 97 4.63 -5.12 22.24
N LEU A 98 4.63 -5.35 23.55
CA LEU A 98 5.31 -4.48 24.48
C LEU A 98 6.79 -4.86 24.55
N GLU A 99 7.51 -4.56 23.48
CA GLU A 99 8.92 -4.89 23.38
C GLU A 99 9.74 -4.08 24.37
N HIS A 100 10.30 -4.78 25.35
CA HIS A 100 11.18 -4.14 26.32
C HIS A 100 12.59 -4.72 26.21
N HIS A 101 12.82 -5.36 25.07
CA HIS A 101 14.15 -5.76 24.65
C HIS A 101 14.41 -5.12 23.30
N HIS A 102 15.39 -4.22 23.23
CA HIS A 102 15.55 -3.30 22.10
C HIS A 102 16.10 -4.00 20.86
N HIS A 103 16.26 -5.32 20.93
CA HIS A 103 16.81 -6.13 19.84
C HIS A 103 18.28 -5.76 19.62
N HIS A 104 18.94 -6.42 18.69
CA HIS A 104 20.35 -6.13 18.42
C HIS A 104 20.78 -6.59 17.04
N HIS A 105 19.97 -7.45 16.41
CA HIS A 105 20.34 -8.11 15.16
C HIS A 105 21.55 -9.00 15.38
N MET A 1 -10.79 13.06 -1.77
CA MET A 1 -9.68 13.11 -2.75
C MET A 1 -8.34 13.00 -2.04
N VAL A 2 -7.44 12.21 -2.59
CA VAL A 2 -6.12 12.02 -2.01
C VAL A 2 -5.04 12.25 -3.06
N LYS A 3 -4.40 13.41 -2.99
CA LYS A 3 -3.35 13.74 -3.95
C LYS A 3 -1.98 13.40 -3.39
N THR A 4 -1.69 13.93 -2.21
CA THR A 4 -0.39 13.71 -1.60
C THR A 4 -0.40 12.50 -0.67
N LEU A 5 -0.29 11.32 -1.26
CA LEU A 5 -0.07 10.11 -0.50
C LEU A 5 1.38 9.68 -0.70
N ARG A 6 2.08 9.37 0.36
CA ARG A 6 3.50 9.10 0.25
C ARG A 6 3.89 7.84 1.02
N LEU A 7 4.36 6.85 0.30
CA LEU A 7 4.84 5.62 0.90
C LEU A 7 6.32 5.75 1.17
N ASN A 8 6.67 5.87 2.44
CA ASN A 8 8.06 6.07 2.88
C ASN A 8 8.56 7.44 2.45
N ASN A 9 8.84 7.59 1.16
CA ASN A 9 9.35 8.85 0.64
C ASN A 9 8.87 9.08 -0.79
N VAL A 10 8.26 8.06 -1.39
CA VAL A 10 7.82 8.17 -2.76
C VAL A 10 6.35 8.57 -2.81
N THR A 11 6.07 9.63 -3.53
CA THR A 11 4.70 10.10 -3.67
C THR A 11 3.91 9.13 -4.55
N LEU A 12 2.64 8.98 -4.26
CA LEU A 12 1.82 7.99 -4.94
C LEU A 12 0.54 8.61 -5.47
N GLU A 13 0.19 8.24 -6.69
CA GLU A 13 -1.05 8.66 -7.31
C GLU A 13 -1.90 7.44 -7.62
N MET A 14 -3.18 7.51 -7.27
CA MET A 14 -4.05 6.35 -7.36
C MET A 14 -5.18 6.60 -8.34
N ALA A 15 -5.81 5.53 -8.74
CA ALA A 15 -6.97 5.61 -9.61
C ALA A 15 -8.15 4.92 -8.94
N ALA A 16 -7.91 3.71 -8.47
CA ALA A 16 -8.88 2.98 -7.67
C ALA A 16 -8.36 2.82 -6.25
N TYR A 17 -8.60 3.84 -5.43
CA TYR A 17 -8.21 3.82 -4.03
C TYR A 17 -9.42 3.56 -3.14
N GLN A 18 -9.52 2.36 -2.62
CA GLN A 18 -10.59 2.02 -1.69
C GLN A 18 -10.01 1.77 -0.32
N GLU A 19 -10.70 2.22 0.71
CA GLU A 19 -10.15 2.18 2.06
C GLU A 19 -11.22 1.89 3.10
N GLU A 20 -10.86 1.04 4.04
CA GLU A 20 -11.63 0.83 5.25
C GLU A 20 -11.05 1.70 6.35
N SER A 21 -11.76 2.76 6.66
CA SER A 21 -11.25 3.76 7.58
C SER A 21 -11.42 3.34 9.04
N GLU A 22 -12.42 2.52 9.33
CA GLU A 22 -12.74 2.25 10.73
C GLU A 22 -13.21 0.88 11.10
N PRO A 23 -13.24 -0.12 10.25
CA PRO A 23 -13.26 -1.44 10.77
C PRO A 23 -11.83 -1.84 11.15
N LYS A 24 -10.94 -1.35 10.31
CA LYS A 24 -9.50 -1.52 10.43
C LYS A 24 -8.91 -0.79 9.25
N ARG A 25 -7.80 -0.11 9.44
CA ARG A 25 -7.20 0.65 8.35
C ARG A 25 -6.66 -0.28 7.27
N LYS A 26 -7.53 -0.60 6.33
CA LYS A 26 -7.17 -1.42 5.20
C LYS A 26 -7.29 -0.61 3.92
N ILE A 27 -6.14 -0.23 3.37
CA ILE A 27 -6.11 0.54 2.15
C ILE A 27 -5.79 -0.37 0.96
N ALA A 28 -6.72 -0.44 0.02
CA ALA A 28 -6.55 -1.25 -1.17
C ALA A 28 -6.55 -0.36 -2.40
N PHE A 29 -5.43 -0.27 -3.08
CA PHE A 29 -5.33 0.60 -4.23
C PHE A 29 -4.87 -0.17 -5.45
N THR A 30 -5.53 0.10 -6.57
CA THR A 30 -5.15 -0.49 -7.83
C THR A 30 -4.26 0.48 -8.61
N LEU A 31 -2.96 0.18 -8.63
CA LEU A 31 -1.99 1.01 -9.31
C LEU A 31 -1.75 0.45 -10.71
N ASN A 32 -2.26 1.14 -11.71
CA ASN A 32 -2.10 0.69 -13.09
C ASN A 32 -0.69 0.98 -13.59
N VAL A 33 0.16 -0.03 -13.53
CA VAL A 33 1.53 0.07 -14.01
C VAL A 33 1.55 0.34 -15.51
N THR A 34 2.14 1.46 -15.88
CA THR A 34 2.33 1.80 -17.28
C THR A 34 3.81 2.01 -17.56
N SER A 35 4.21 1.89 -18.82
CA SER A 35 5.61 2.01 -19.20
C SER A 35 6.15 3.43 -19.01
N GLU A 36 5.33 4.31 -18.44
CA GLU A 36 5.73 5.67 -18.17
C GLU A 36 6.63 5.74 -16.94
N THR A 37 6.47 4.76 -16.05
CA THR A 37 7.24 4.73 -14.81
C THR A 37 7.24 3.32 -14.22
N TYR A 38 7.02 2.34 -15.07
CA TYR A 38 6.85 0.95 -14.65
C TYR A 38 8.13 0.40 -14.01
N HIS A 39 9.29 0.87 -14.47
CA HIS A 39 10.56 0.31 -14.03
C HIS A 39 10.84 0.70 -12.58
N ASP A 40 10.26 1.79 -12.13
CA ASP A 40 10.43 2.24 -10.75
C ASP A 40 9.52 1.43 -9.83
N ILE A 41 8.31 1.21 -10.28
CA ILE A 41 7.32 0.44 -9.53
C ILE A 41 7.66 -1.05 -9.59
N ALA A 42 8.53 -1.42 -10.53
CA ALA A 42 9.01 -2.80 -10.62
C ALA A 42 10.06 -3.07 -9.55
N VAL A 43 10.39 -2.03 -8.81
CA VAL A 43 11.26 -2.17 -7.65
C VAL A 43 10.40 -2.12 -6.39
N LEU A 44 9.40 -1.25 -6.42
CA LEU A 44 8.43 -1.14 -5.34
C LEU A 44 7.24 -2.05 -5.60
N LEU A 45 7.34 -3.30 -5.18
CA LEU A 45 6.33 -4.28 -5.48
C LEU A 45 6.08 -5.14 -4.26
N TYR A 46 4.88 -4.96 -3.71
CA TYR A 46 4.35 -5.83 -2.65
C TYR A 46 5.02 -5.55 -1.31
N GLU A 47 6.29 -5.97 -1.16
CA GLU A 47 7.01 -5.87 0.10
C GLU A 47 6.15 -6.33 1.27
N LYS A 48 5.99 -5.48 2.28
CA LYS A 48 5.04 -5.73 3.35
C LYS A 48 4.91 -4.52 4.29
N THR A 49 6.04 -4.01 4.78
CA THR A 49 5.99 -2.88 5.70
C THR A 49 6.09 -1.55 4.97
N PHE A 50 5.05 -0.75 5.06
CA PHE A 50 5.03 0.58 4.46
C PHE A 50 4.62 1.63 5.47
N ASN A 51 5.45 2.65 5.64
CA ASN A 51 5.06 3.79 6.45
C ASN A 51 4.17 4.71 5.63
N VAL A 52 2.89 4.65 5.92
CA VAL A 52 1.90 5.42 5.20
C VAL A 52 1.79 6.82 5.78
N GLU A 53 2.45 7.77 5.14
CA GLU A 53 2.41 9.15 5.57
C GLU A 53 1.68 9.98 4.54
N VAL A 54 0.57 10.54 4.97
CA VAL A 54 -0.31 11.25 4.09
C VAL A 54 -0.74 12.58 4.71
N PRO A 55 -0.15 13.69 4.23
CA PRO A 55 -0.45 15.04 4.72
C PRO A 55 -1.91 15.42 4.48
N GLU A 56 -2.53 14.75 3.51
CA GLU A 56 -3.93 14.99 3.18
C GLU A 56 -4.83 14.64 4.37
N ARG A 57 -4.39 13.68 5.17
CA ARG A 57 -5.17 13.22 6.32
C ARG A 57 -4.39 13.44 7.61
N ASP A 58 -3.22 14.08 7.50
CA ASP A 58 -2.33 14.33 8.64
C ASP A 58 -1.93 12.99 9.28
N LEU A 59 -1.85 11.95 8.46
CA LEU A 59 -1.60 10.62 8.96
C LEU A 59 -0.15 10.21 8.78
N ALA A 60 0.38 9.54 9.78
CA ALA A 60 1.71 8.96 9.72
C ALA A 60 1.69 7.62 10.45
N PHE A 61 1.38 6.56 9.70
CA PHE A 61 1.15 5.26 10.30
C PHE A 61 1.83 4.16 9.49
N ARG A 62 2.56 3.30 10.16
CA ARG A 62 3.27 2.23 9.49
C ARG A 62 2.37 1.00 9.38
N GLY A 63 1.90 0.74 8.18
CA GLY A 63 1.06 -0.42 7.95
C GLY A 63 1.86 -1.59 7.44
N GLU A 64 1.25 -2.76 7.43
CA GLU A 64 1.93 -3.95 6.97
C GLU A 64 0.98 -4.81 6.14
N MET A 65 1.23 -4.87 4.85
CA MET A 65 0.43 -5.70 3.96
C MET A 65 0.75 -7.17 4.24
N THR A 66 -0.27 -7.90 4.64
CA THR A 66 -0.08 -9.26 5.11
C THR A 66 -0.60 -10.25 4.08
N ASN A 67 -0.90 -9.73 2.91
CA ASN A 67 -1.52 -10.51 1.84
C ASN A 67 -0.46 -11.28 1.06
N TYR A 68 -0.62 -12.59 0.98
CA TYR A 68 0.27 -13.41 0.18
C TYR A 68 0.03 -13.14 -1.30
N SER A 69 1.05 -13.36 -2.13
CA SER A 69 0.98 -13.14 -3.56
C SER A 69 -0.27 -13.78 -4.19
N THR A 70 -1.28 -12.96 -4.41
CA THR A 70 -2.54 -13.44 -4.98
C THR A 70 -3.01 -12.52 -6.10
N SER A 71 -2.70 -11.23 -5.98
CA SER A 71 -3.06 -10.26 -6.99
C SER A 71 -2.09 -10.33 -8.17
N LEU A 72 -2.61 -10.74 -9.32
CA LEU A 72 -1.76 -10.95 -10.50
C LEU A 72 -1.51 -9.64 -11.24
N THR A 73 -0.43 -8.97 -10.89
CA THR A 73 0.03 -7.80 -11.62
C THR A 73 1.22 -8.19 -12.49
N ASN A 74 2.30 -8.58 -11.83
CA ASN A 74 3.52 -9.04 -12.48
C ASN A 74 4.50 -9.54 -11.43
N LEU A 75 4.70 -8.72 -10.40
CA LEU A 75 5.42 -9.11 -9.18
C LEU A 75 6.90 -9.43 -9.43
N TYR A 76 7.38 -9.18 -10.64
CA TYR A 76 8.78 -9.45 -11.00
C TYR A 76 8.99 -9.20 -12.49
N GLU A 77 8.08 -9.72 -13.29
CA GLU A 77 8.19 -9.64 -14.74
C GLU A 77 7.69 -8.30 -15.27
N PRO A 78 8.54 -7.55 -15.97
CA PRO A 78 8.15 -6.26 -16.57
C PRO A 78 7.05 -6.42 -17.61
N GLY A 79 6.11 -5.48 -17.63
CA GLY A 79 5.01 -5.53 -18.58
C GLY A 79 4.69 -4.15 -19.12
N ALA A 80 3.62 -4.06 -19.90
CA ALA A 80 3.21 -2.77 -20.46
C ALA A 80 2.21 -2.11 -19.52
N VAL A 81 1.09 -2.77 -19.32
CA VAL A 81 0.10 -2.33 -18.35
C VAL A 81 -0.10 -3.41 -17.31
N SER A 82 0.07 -3.06 -16.06
CA SER A 82 -0.09 -4.03 -15.01
C SER A 82 -0.75 -3.41 -13.77
N GLU A 83 -1.98 -3.82 -13.49
CA GLU A 83 -2.72 -3.24 -12.37
C GLU A 83 -2.29 -3.87 -11.06
N PHE A 84 -1.50 -3.13 -10.28
CA PHE A 84 -1.05 -3.58 -8.96
C PHE A 84 -2.18 -3.47 -7.96
N TYR A 85 -2.75 -4.60 -7.61
CA TYR A 85 -3.73 -4.65 -6.54
C TYR A 85 -3.03 -4.92 -5.23
N ILE A 86 -2.62 -3.84 -4.56
CA ILE A 86 -1.89 -3.95 -3.32
C ILE A 86 -2.70 -3.35 -2.18
N GLU A 87 -3.20 -4.21 -1.30
CA GLU A 87 -3.90 -3.74 -0.12
C GLU A 87 -2.99 -3.89 1.10
N ILE A 88 -3.02 -2.89 1.97
CA ILE A 88 -2.16 -2.88 3.15
C ILE A 88 -3.00 -2.84 4.41
N THR A 89 -2.89 -3.88 5.21
CA THR A 89 -3.54 -3.92 6.50
C THR A 89 -2.71 -3.16 7.53
N GLU A 90 -3.37 -2.29 8.30
CA GLU A 90 -2.69 -1.54 9.35
C GLU A 90 -2.07 -2.51 10.35
N ILE A 91 -0.99 -2.08 10.99
CA ILE A 91 -0.33 -2.91 11.98
C ILE A 91 -1.28 -3.16 13.16
N ASP A 92 -1.19 -4.34 13.75
CA ASP A 92 -2.11 -4.69 14.82
C ASP A 92 -1.49 -4.50 16.18
N LYS A 93 -2.35 -4.53 17.19
CA LYS A 93 -1.93 -4.42 18.58
C LYS A 93 -1.23 -5.68 19.05
N ASN A 94 -1.24 -6.64 18.17
CA ASN A 94 -0.68 -7.95 18.43
C ASN A 94 0.79 -7.96 18.03
N ALA A 95 1.18 -7.03 17.15
CA ALA A 95 2.56 -6.94 16.71
C ALA A 95 3.34 -5.99 17.61
N ASP A 96 2.74 -4.83 17.88
CA ASP A 96 3.35 -3.84 18.77
C ASP A 96 2.25 -3.07 19.48
N SER A 97 2.65 -2.32 20.50
CA SER A 97 1.69 -1.59 21.31
C SER A 97 2.35 -0.37 21.95
N LEU A 98 3.41 0.10 21.32
CA LEU A 98 4.14 1.24 21.83
C LEU A 98 4.24 2.33 20.76
N GLU A 99 3.26 3.20 20.75
CA GLU A 99 3.16 4.23 19.72
C GLU A 99 3.95 5.48 20.11
N HIS A 100 4.48 6.15 19.09
CA HIS A 100 5.27 7.36 19.28
C HIS A 100 4.63 8.52 18.54
N HIS A 101 4.87 9.75 19.03
CA HIS A 101 4.37 10.99 18.41
C HIS A 101 2.90 11.22 18.78
N HIS A 102 2.37 10.36 19.62
CA HIS A 102 1.00 10.49 20.08
C HIS A 102 0.96 11.37 21.33
N HIS A 103 0.74 12.65 21.13
CA HIS A 103 0.79 13.61 22.22
C HIS A 103 -0.58 13.78 22.89
N HIS A 104 -0.85 12.89 23.84
CA HIS A 104 -2.06 12.95 24.68
C HIS A 104 -2.09 11.74 25.59
N HIS A 105 -1.73 10.58 25.04
CA HIS A 105 -1.65 9.33 25.80
C HIS A 105 -0.44 8.54 25.36
N MET A 1 -10.18 8.43 -0.45
CA MET A 1 -10.37 9.90 -0.44
C MET A 1 -9.11 10.60 0.05
N VAL A 2 -8.11 10.66 -0.80
CA VAL A 2 -6.85 11.32 -0.47
C VAL A 2 -5.98 11.39 -1.73
N LYS A 3 -5.01 12.30 -1.75
CA LYS A 3 -4.10 12.38 -2.88
C LYS A 3 -2.67 12.52 -2.40
N THR A 4 -2.45 13.29 -1.34
CA THR A 4 -1.12 13.43 -0.80
C THR A 4 -0.81 12.29 0.17
N LEU A 5 -0.45 11.15 -0.41
CA LEU A 5 -0.06 10.00 0.39
C LEU A 5 1.41 9.68 0.15
N ARG A 6 2.14 9.46 1.22
CA ARG A 6 3.57 9.21 1.13
C ARG A 6 3.92 7.91 1.84
N LEU A 7 4.81 7.14 1.25
CA LEU A 7 5.27 5.91 1.86
C LEU A 7 6.68 6.10 2.38
N ASN A 8 6.76 6.73 3.56
CA ASN A 8 8.03 7.15 4.14
C ASN A 8 8.72 8.18 3.24
N ASN A 9 8.24 9.42 3.33
CA ASN A 9 8.80 10.57 2.62
C ASN A 9 8.47 10.57 1.12
N VAL A 10 8.57 9.43 0.46
CA VAL A 10 8.38 9.37 -0.96
C VAL A 10 6.90 9.40 -1.29
N THR A 11 6.52 10.30 -2.18
CA THR A 11 5.12 10.48 -2.50
C THR A 11 4.62 9.36 -3.41
N LEU A 12 3.34 9.02 -3.26
CA LEU A 12 2.76 7.91 -4.00
C LEU A 12 2.10 8.39 -5.28
N GLU A 13 1.89 7.45 -6.21
CA GLU A 13 1.22 7.72 -7.47
C GLU A 13 0.01 6.79 -7.61
N MET A 14 -1.18 7.35 -7.55
CA MET A 14 -2.41 6.55 -7.57
C MET A 14 -3.49 7.22 -8.40
N ALA A 15 -4.69 6.66 -8.31
CA ALA A 15 -5.85 7.20 -9.00
C ALA A 15 -7.09 6.94 -8.15
N ALA A 16 -7.29 5.68 -7.80
CA ALA A 16 -8.39 5.32 -6.93
C ALA A 16 -7.88 4.75 -5.60
N TYR A 17 -7.64 5.65 -4.66
CA TYR A 17 -7.36 5.26 -3.28
C TYR A 17 -8.64 4.72 -2.64
N GLN A 18 -8.84 3.40 -2.74
CA GLN A 18 -10.02 2.77 -2.18
C GLN A 18 -9.73 2.31 -0.76
N GLU A 19 -10.45 2.87 0.19
CA GLU A 19 -10.14 2.63 1.58
C GLU A 19 -11.35 2.14 2.36
N GLU A 20 -11.09 1.24 3.29
CA GLU A 20 -12.08 0.83 4.25
C GLU A 20 -11.45 0.95 5.62
N SER A 21 -11.79 2.03 6.29
CA SER A 21 -11.09 2.47 7.48
C SER A 21 -11.57 1.76 8.74
N GLU A 22 -12.71 1.09 8.68
CA GLU A 22 -13.26 0.53 9.92
C GLU A 22 -13.65 -0.91 9.94
N PRO A 23 -13.05 -1.78 9.16
CA PRO A 23 -12.85 -3.10 9.66
C PRO A 23 -11.47 -3.16 10.33
N LYS A 24 -10.56 -2.47 9.68
CA LYS A 24 -9.20 -2.21 10.08
C LYS A 24 -8.79 -1.07 9.16
N ARG A 25 -7.56 -0.58 9.22
CA ARG A 25 -7.12 0.35 8.17
C ARG A 25 -6.78 -0.43 6.91
N LYS A 26 -7.79 -0.71 6.11
CA LYS A 26 -7.61 -1.49 4.89
C LYS A 26 -7.63 -0.58 3.68
N ILE A 27 -6.47 -0.39 3.07
CA ILE A 27 -6.35 0.51 1.95
C ILE A 27 -5.91 -0.21 0.69
N ALA A 28 -6.85 -0.36 -0.23
CA ALA A 28 -6.58 -0.98 -1.51
C ALA A 28 -6.63 0.08 -2.60
N PHE A 29 -5.48 0.59 -2.99
CA PHE A 29 -5.43 1.66 -3.94
C PHE A 29 -4.77 1.23 -5.24
N THR A 30 -5.22 1.84 -6.32
CA THR A 30 -4.68 1.57 -7.63
C THR A 30 -3.48 2.44 -7.92
N LEU A 31 -2.38 1.80 -8.27
CA LEU A 31 -1.18 2.51 -8.60
C LEU A 31 -1.02 2.57 -10.12
N ASN A 32 -0.69 3.73 -10.63
CA ASN A 32 -0.60 3.93 -12.08
C ASN A 32 0.59 3.17 -12.66
N VAL A 33 0.34 1.96 -13.13
CA VAL A 33 1.36 1.16 -13.76
C VAL A 33 1.17 1.14 -15.27
N THR A 34 2.02 1.86 -15.96
CA THR A 34 1.99 1.90 -17.40
C THR A 34 3.04 0.94 -17.97
N SER A 35 2.99 0.74 -19.28
CA SER A 35 3.82 -0.24 -19.99
C SER A 35 5.29 -0.21 -19.57
N GLU A 36 5.91 0.97 -19.54
CA GLU A 36 7.37 1.06 -19.46
C GLU A 36 7.88 0.88 -18.03
N THR A 37 7.03 1.06 -17.04
CA THR A 37 7.46 0.98 -15.65
C THR A 37 6.87 -0.25 -14.96
N TYR A 38 6.08 -1.00 -15.71
CA TYR A 38 5.28 -2.07 -15.16
C TYR A 38 6.13 -3.17 -14.50
N HIS A 39 7.21 -3.58 -15.16
CA HIS A 39 7.97 -4.74 -14.69
C HIS A 39 8.92 -4.34 -13.56
N ASP A 40 9.06 -3.04 -13.35
CA ASP A 40 9.92 -2.52 -12.29
C ASP A 40 9.12 -2.40 -11.00
N ILE A 41 8.03 -1.65 -11.06
CA ILE A 41 7.19 -1.40 -9.90
C ILE A 41 6.61 -2.69 -9.34
N ALA A 42 6.35 -3.66 -10.22
CA ALA A 42 5.77 -4.95 -9.82
C ALA A 42 6.61 -5.64 -8.75
N VAL A 43 7.90 -5.33 -8.70
CA VAL A 43 8.81 -5.95 -7.73
C VAL A 43 9.15 -4.98 -6.61
N LEU A 44 9.09 -3.69 -6.90
CA LEU A 44 9.49 -2.67 -5.95
C LEU A 44 8.35 -2.24 -5.05
N LEU A 45 7.15 -2.16 -5.59
CA LEU A 45 6.00 -1.75 -4.82
C LEU A 45 4.95 -2.83 -4.90
N TYR A 46 5.04 -3.73 -3.93
CA TYR A 46 4.13 -4.86 -3.81
C TYR A 46 4.48 -5.64 -2.55
N GLU A 47 5.75 -5.61 -2.18
CA GLU A 47 6.23 -6.31 -1.01
C GLU A 47 6.79 -5.34 0.02
N LYS A 48 7.23 -5.89 1.16
CA LYS A 48 7.89 -5.14 2.22
C LYS A 48 6.91 -4.29 3.04
N THR A 49 7.47 -3.48 3.93
CA THR A 49 6.68 -2.69 4.86
C THR A 49 6.75 -1.21 4.47
N PHE A 50 5.58 -0.60 4.29
CA PHE A 50 5.53 0.79 3.86
C PHE A 50 5.04 1.68 4.99
N ASN A 51 5.76 2.76 5.23
CA ASN A 51 5.35 3.72 6.25
C ASN A 51 4.29 4.64 5.67
N VAL A 52 3.03 4.39 6.01
CA VAL A 52 1.93 5.16 5.48
C VAL A 52 1.86 6.52 6.17
N GLU A 53 2.18 7.56 5.43
CA GLU A 53 2.13 8.91 5.95
C GLU A 53 1.21 9.76 5.10
N VAL A 54 0.19 10.28 5.75
CA VAL A 54 -0.79 11.09 5.08
C VAL A 54 -1.01 12.40 5.85
N PRO A 55 -0.54 13.52 5.28
CA PRO A 55 -0.64 14.84 5.90
C PRO A 55 -2.07 15.26 6.22
N GLU A 56 -2.98 15.05 5.26
CA GLU A 56 -4.39 15.42 5.41
C GLU A 56 -5.00 14.83 6.69
N ARG A 57 -4.48 13.70 7.15
CA ARG A 57 -5.03 13.04 8.32
C ARG A 57 -3.97 12.85 9.40
N ASP A 58 -2.81 13.47 9.17
CA ASP A 58 -1.63 13.36 10.06
C ASP A 58 -1.35 11.92 10.52
N LEU A 59 -1.76 10.95 9.70
CA LEU A 59 -1.61 9.55 10.07
C LEU A 59 -0.19 9.09 9.75
N ALA A 60 0.50 8.59 10.76
CA ALA A 60 1.82 8.02 10.59
C ALA A 60 1.85 6.61 11.16
N PHE A 61 1.74 5.62 10.29
CA PHE A 61 1.66 4.24 10.71
C PHE A 61 2.27 3.34 9.65
N ARG A 62 3.02 2.34 10.07
CA ARG A 62 3.70 1.46 9.14
C ARG A 62 2.75 0.34 8.71
N GLY A 63 2.30 0.42 7.47
CA GLY A 63 1.43 -0.58 6.92
C GLY A 63 2.13 -1.37 5.84
N GLU A 64 2.41 -2.62 6.11
CA GLU A 64 3.06 -3.49 5.15
C GLU A 64 2.03 -4.08 4.21
N MET A 65 2.42 -4.34 2.97
CA MET A 65 1.52 -4.96 2.02
C MET A 65 1.35 -6.43 2.37
N THR A 66 0.22 -6.71 2.98
CA THR A 66 -0.12 -8.05 3.41
C THR A 66 -0.50 -8.92 2.23
N ASN A 67 -1.19 -8.29 1.29
CA ASN A 67 -1.73 -8.97 0.11
C ASN A 67 -2.78 -10.01 0.51
N TYR A 68 -3.59 -10.43 -0.44
CA TYR A 68 -4.57 -11.47 -0.16
C TYR A 68 -4.81 -12.32 -1.40
N SER A 69 -5.30 -11.70 -2.46
CA SER A 69 -5.63 -12.42 -3.68
C SER A 69 -4.54 -12.26 -4.73
N THR A 70 -4.56 -13.12 -5.74
CA THR A 70 -3.61 -13.04 -6.83
C THR A 70 -4.14 -12.10 -7.91
N SER A 71 -3.46 -10.98 -8.11
CA SER A 71 -3.91 -10.00 -9.08
C SER A 71 -2.73 -9.19 -9.66
N LEU A 72 -1.86 -8.71 -8.77
CA LEU A 72 -0.65 -7.94 -9.17
C LEU A 72 -1.03 -6.63 -9.87
N THR A 73 -1.22 -6.69 -11.19
CA THR A 73 -1.58 -5.50 -11.96
C THR A 73 -3.09 -5.44 -12.23
N ASN A 74 -3.80 -6.44 -11.74
CA ASN A 74 -5.24 -6.50 -11.92
C ASN A 74 -5.98 -6.00 -10.69
N LEU A 75 -6.74 -4.94 -10.88
CA LEU A 75 -7.56 -4.37 -9.82
C LEU A 75 -8.62 -3.51 -10.47
N TYR A 76 -8.20 -2.83 -11.53
CA TYR A 76 -9.10 -2.09 -12.40
C TYR A 76 -8.43 -1.93 -13.75
N GLU A 77 -8.63 -2.88 -14.65
CA GLU A 77 -8.00 -2.83 -15.96
C GLU A 77 -8.90 -2.16 -16.98
N PRO A 78 -8.59 -0.90 -17.36
CA PRO A 78 -9.31 -0.19 -18.39
C PRO A 78 -8.87 -0.63 -19.78
N GLY A 79 -7.63 -1.08 -19.88
CA GLY A 79 -7.11 -1.53 -21.15
C GLY A 79 -5.62 -1.29 -21.30
N ALA A 80 -5.26 -0.15 -21.87
CA ALA A 80 -3.87 0.16 -22.20
C ALA A 80 -3.06 0.62 -20.98
N VAL A 81 -3.50 0.27 -19.78
CA VAL A 81 -2.79 0.64 -18.56
C VAL A 81 -3.15 -0.34 -17.44
N SER A 82 -2.17 -0.64 -16.59
CA SER A 82 -2.38 -1.56 -15.50
C SER A 82 -2.53 -0.81 -14.18
N GLU A 83 -3.78 -0.58 -13.77
CA GLU A 83 -4.04 -0.02 -12.46
C GLU A 83 -3.64 -1.04 -11.40
N PHE A 84 -2.50 -0.80 -10.77
CA PHE A 84 -1.86 -1.78 -9.91
C PHE A 84 -2.71 -2.12 -8.69
N TYR A 85 -2.66 -3.39 -8.33
CA TYR A 85 -3.39 -3.91 -7.19
C TYR A 85 -2.56 -3.78 -5.93
N ILE A 86 -2.61 -2.60 -5.32
CA ILE A 86 -1.91 -2.38 -4.07
C ILE A 86 -2.88 -2.52 -2.91
N GLU A 87 -2.90 -3.70 -2.32
CA GLU A 87 -3.77 -3.97 -1.21
C GLU A 87 -2.99 -3.93 0.09
N ILE A 88 -3.35 -3.02 0.97
CA ILE A 88 -2.74 -2.95 2.28
C ILE A 88 -3.80 -2.99 3.36
N THR A 89 -4.20 -4.18 3.77
CA THR A 89 -5.03 -4.30 4.95
C THR A 89 -4.17 -4.08 6.18
N GLU A 90 -4.73 -3.42 7.18
CA GLU A 90 -4.02 -3.13 8.42
C GLU A 90 -3.29 -4.36 8.93
N ILE A 91 -1.99 -4.22 9.16
CA ILE A 91 -1.16 -5.30 9.64
C ILE A 91 -1.79 -5.95 10.88
N ASP A 92 -1.71 -7.27 10.96
CA ASP A 92 -2.35 -7.98 12.06
C ASP A 92 -1.39 -8.21 13.21
N LYS A 93 -1.96 -8.57 14.34
CA LYS A 93 -1.20 -8.87 15.53
C LYS A 93 -0.98 -10.37 15.61
N ASN A 94 -1.41 -11.00 14.55
CA ASN A 94 -1.22 -12.42 14.34
C ASN A 94 0.04 -12.64 13.49
N ALA A 95 0.74 -11.53 13.24
CA ALA A 95 1.99 -11.56 12.47
C ALA A 95 3.04 -12.40 13.19
N ASP A 96 2.96 -12.40 14.52
CA ASP A 96 3.83 -13.24 15.32
C ASP A 96 3.03 -14.37 15.95
N SER A 97 3.72 -15.39 16.36
CA SER A 97 3.12 -16.57 16.95
C SER A 97 4.21 -17.38 17.64
N LEU A 98 5.24 -16.68 18.08
CA LEU A 98 6.41 -17.33 18.65
C LEU A 98 6.34 -17.36 20.17
N GLU A 99 5.16 -17.05 20.68
CA GLU A 99 4.90 -17.11 22.10
C GLU A 99 4.37 -18.50 22.46
N HIS A 100 3.17 -18.80 21.98
CA HIS A 100 2.60 -20.11 22.21
C HIS A 100 2.96 -21.04 21.06
N HIS A 101 4.11 -21.65 21.18
CA HIS A 101 4.56 -22.64 20.20
C HIS A 101 3.60 -23.82 20.15
N HIS A 102 3.08 -24.10 18.96
CA HIS A 102 2.11 -25.16 18.78
C HIS A 102 2.54 -26.09 17.67
N HIS A 103 2.02 -27.32 17.68
CA HIS A 103 2.38 -28.31 16.68
C HIS A 103 1.40 -28.29 15.51
N HIS A 104 0.13 -28.02 15.81
CA HIS A 104 -0.92 -28.11 14.79
C HIS A 104 -1.41 -26.75 14.34
N HIS A 105 -1.21 -26.49 13.04
CA HIS A 105 -1.77 -25.33 12.35
C HIS A 105 -1.40 -24.00 13.03
N MET A 1 -10.53 11.79 -1.73
CA MET A 1 -9.69 11.45 -2.90
C MET A 1 -8.39 10.79 -2.47
N VAL A 2 -7.61 11.51 -1.67
CA VAL A 2 -6.28 11.06 -1.26
C VAL A 2 -5.36 10.95 -2.48
N LYS A 3 -4.67 12.03 -2.78
CA LYS A 3 -3.75 12.04 -3.91
C LYS A 3 -2.33 12.22 -3.40
N THR A 4 -2.21 12.76 -2.21
CA THR A 4 -0.92 12.97 -1.58
C THR A 4 -0.61 11.84 -0.60
N LEU A 5 0.01 10.78 -1.11
CA LEU A 5 0.36 9.63 -0.30
C LEU A 5 1.79 9.21 -0.57
N ARG A 6 2.50 8.85 0.49
CA ARG A 6 3.90 8.45 0.38
C ARG A 6 4.15 7.18 1.19
N LEU A 7 4.77 6.20 0.56
CA LEU A 7 5.17 4.99 1.25
C LEU A 7 6.65 5.08 1.60
N ASN A 8 6.93 5.17 2.90
CA ASN A 8 8.28 5.42 3.42
C ASN A 8 8.95 6.62 2.73
N ASN A 9 9.78 6.36 1.73
CA ASN A 9 10.48 7.42 1.01
C ASN A 9 9.93 7.56 -0.40
N VAL A 10 9.02 6.68 -0.76
CA VAL A 10 8.54 6.58 -2.12
C VAL A 10 7.18 7.24 -2.25
N THR A 11 7.14 8.40 -2.89
CA THR A 11 5.88 9.06 -3.20
C THR A 11 5.05 8.14 -4.10
N LEU A 12 3.77 8.02 -3.79
CA LEU A 12 2.94 7.01 -4.44
C LEU A 12 1.94 7.64 -5.41
N GLU A 13 1.67 6.92 -6.48
CA GLU A 13 0.65 7.31 -7.44
C GLU A 13 -0.38 6.19 -7.54
N MET A 14 -1.62 6.55 -7.86
CA MET A 14 -2.71 5.58 -7.84
C MET A 14 -3.72 5.88 -8.93
N ALA A 15 -4.55 4.90 -9.22
CA ALA A 15 -5.60 5.05 -10.21
C ALA A 15 -6.96 4.94 -9.55
N ALA A 16 -7.11 3.94 -8.69
CA ALA A 16 -8.34 3.75 -7.94
C ALA A 16 -8.04 3.42 -6.49
N TYR A 17 -7.88 4.47 -5.69
CA TYR A 17 -7.70 4.32 -4.25
C TYR A 17 -9.02 3.94 -3.59
N GLN A 18 -9.07 2.75 -3.00
CA GLN A 18 -10.27 2.26 -2.38
C GLN A 18 -9.98 1.68 -0.99
N GLU A 19 -10.32 2.43 0.05
CA GLU A 19 -10.18 1.92 1.40
C GLU A 19 -11.53 1.79 2.07
N GLU A 20 -11.72 0.69 2.77
CA GLU A 20 -12.93 0.48 3.56
C GLU A 20 -12.68 1.01 4.96
N SER A 21 -13.32 2.13 5.28
CA SER A 21 -13.09 2.82 6.55
C SER A 21 -13.72 2.09 7.72
N GLU A 22 -14.71 1.27 7.43
CA GLU A 22 -15.48 0.62 8.47
C GLU A 22 -14.83 -0.67 8.93
N PRO A 23 -15.40 -1.26 10.00
CA PRO A 23 -14.76 -1.85 11.16
C PRO A 23 -13.22 -1.88 11.25
N LYS A 24 -12.53 -1.76 10.15
CA LYS A 24 -11.09 -1.81 10.10
C LYS A 24 -10.62 -1.32 8.74
N ARG A 25 -9.87 -0.22 8.73
CA ARG A 25 -9.47 0.41 7.50
C ARG A 25 -8.71 -0.54 6.58
N LYS A 26 -9.40 -1.00 5.55
CA LYS A 26 -8.79 -1.88 4.58
C LYS A 26 -8.41 -1.07 3.34
N ILE A 27 -7.12 -0.74 3.24
CA ILE A 27 -6.65 0.11 2.15
C ILE A 27 -6.26 -0.72 0.95
N ALA A 28 -7.11 -0.75 -0.06
CA ALA A 28 -6.81 -1.44 -1.29
C ALA A 28 -6.68 -0.44 -2.43
N PHE A 29 -5.46 0.01 -2.69
CA PHE A 29 -5.28 1.00 -3.73
C PHE A 29 -4.88 0.35 -5.04
N THR A 30 -5.60 0.72 -6.08
CA THR A 30 -5.34 0.20 -7.42
C THR A 30 -4.30 1.06 -8.12
N LEU A 31 -3.12 0.49 -8.32
CA LEU A 31 -2.01 1.19 -8.95
C LEU A 31 -1.98 0.87 -10.45
N ASN A 32 -1.69 1.88 -11.27
CA ASN A 32 -1.68 1.72 -12.72
C ASN A 32 -0.35 1.15 -13.20
N VAL A 33 -0.39 -0.06 -13.73
CA VAL A 33 0.81 -0.73 -14.20
C VAL A 33 0.94 -0.62 -15.71
N THR A 34 1.73 0.34 -16.16
CA THR A 34 1.99 0.50 -17.57
C THR A 34 3.46 0.22 -17.86
N SER A 35 3.87 0.37 -19.11
CA SER A 35 5.27 0.22 -19.48
C SER A 35 6.09 1.37 -18.92
N GLU A 36 5.40 2.36 -18.38
CA GLU A 36 6.04 3.53 -17.79
C GLU A 36 6.43 3.23 -16.34
N THR A 37 5.44 2.93 -15.52
CA THR A 37 5.64 2.74 -14.09
C THR A 37 6.33 1.42 -13.79
N TYR A 38 6.28 0.49 -14.74
CA TYR A 38 6.87 -0.84 -14.57
C TYR A 38 8.34 -0.75 -14.16
N HIS A 39 9.04 0.29 -14.63
CA HIS A 39 10.47 0.43 -14.37
C HIS A 39 10.78 0.45 -12.88
N ASP A 40 10.06 1.28 -12.13
CA ASP A 40 10.33 1.48 -10.72
C ASP A 40 9.66 0.42 -9.86
N ILE A 41 8.42 0.10 -10.21
CA ILE A 41 7.60 -0.75 -9.37
C ILE A 41 7.94 -2.24 -9.55
N ALA A 42 8.78 -2.54 -10.54
CA ALA A 42 9.28 -3.90 -10.70
C ALA A 42 10.32 -4.20 -9.63
N VAL A 43 10.80 -3.13 -9.00
CA VAL A 43 11.70 -3.26 -7.87
C VAL A 43 10.90 -3.22 -6.57
N LEU A 44 9.98 -2.28 -6.49
CA LEU A 44 9.09 -2.15 -5.34
C LEU A 44 7.87 -3.06 -5.53
N LEU A 45 7.98 -4.29 -5.08
CA LEU A 45 6.95 -5.29 -5.33
C LEU A 45 6.26 -5.68 -4.04
N TYR A 46 5.17 -4.98 -3.76
CA TYR A 46 4.21 -5.33 -2.68
C TYR A 46 4.91 -5.89 -1.43
N GLU A 47 5.57 -5.02 -0.70
CA GLU A 47 6.33 -5.43 0.48
C GLU A 47 5.45 -5.96 1.59
N LYS A 48 6.11 -6.55 2.57
CA LYS A 48 5.47 -7.08 3.77
C LYS A 48 4.77 -5.98 4.54
N THR A 49 5.50 -4.91 4.80
CA THR A 49 5.00 -3.78 5.54
C THR A 49 5.21 -2.49 4.75
N PHE A 50 4.37 -1.51 4.99
CA PHE A 50 4.47 -0.22 4.30
C PHE A 50 4.34 0.91 5.31
N ASN A 51 5.31 1.83 5.30
CA ASN A 51 5.19 3.04 6.09
C ASN A 51 4.27 4.01 5.36
N VAL A 52 2.99 3.95 5.70
CA VAL A 52 1.97 4.73 5.02
C VAL A 52 1.88 6.14 5.59
N GLU A 53 2.44 7.10 4.87
CA GLU A 53 2.37 8.48 5.26
C GLU A 53 1.46 9.24 4.33
N VAL A 54 0.37 9.69 4.87
CA VAL A 54 -0.57 10.47 4.10
C VAL A 54 -0.72 11.87 4.71
N PRO A 55 0.07 12.82 4.23
CA PRO A 55 0.06 14.20 4.72
C PRO A 55 -1.27 14.89 4.41
N GLU A 56 -1.97 14.37 3.41
CA GLU A 56 -3.26 14.91 3.01
C GLU A 56 -4.31 14.64 4.08
N ARG A 57 -4.04 13.67 4.96
CA ARG A 57 -4.92 13.37 6.07
C ARG A 57 -4.15 13.39 7.39
N ASP A 58 -2.94 13.94 7.33
CA ASP A 58 -2.04 14.05 8.49
C ASP A 58 -1.92 12.72 9.23
N LEU A 59 -1.70 11.64 8.49
CA LEU A 59 -1.62 10.33 9.10
C LEU A 59 -0.27 9.69 8.83
N ALA A 60 0.56 9.62 9.86
CA ALA A 60 1.81 8.87 9.79
C ALA A 60 1.60 7.49 10.39
N PHE A 61 1.44 6.50 9.52
CA PHE A 61 1.04 5.18 9.95
C PHE A 61 1.93 4.11 9.31
N ARG A 62 1.86 2.90 9.81
CA ARG A 62 2.53 1.78 9.19
C ARG A 62 1.55 0.64 9.01
N GLY A 63 1.51 0.06 7.82
CA GLY A 63 0.58 -1.01 7.55
C GLY A 63 1.28 -2.27 7.09
N GLU A 64 0.55 -3.36 7.03
CA GLU A 64 1.09 -4.63 6.57
C GLU A 64 0.05 -5.37 5.75
N MET A 65 0.49 -6.17 4.79
CA MET A 65 -0.43 -7.01 4.05
C MET A 65 -0.92 -8.14 4.96
N THR A 66 -2.12 -7.97 5.49
CA THR A 66 -2.64 -8.89 6.48
C THR A 66 -3.39 -10.06 5.83
N ASN A 67 -3.64 -9.96 4.53
CA ASN A 67 -4.43 -10.96 3.84
C ASN A 67 -3.75 -11.37 2.54
N TYR A 68 -4.17 -12.50 2.00
CA TYR A 68 -3.72 -12.94 0.69
C TYR A 68 -4.63 -12.33 -0.37
N SER A 69 -4.41 -11.07 -0.67
CA SER A 69 -5.28 -10.35 -1.59
C SER A 69 -4.52 -9.99 -2.86
N THR A 70 -5.09 -10.36 -3.99
CA THR A 70 -4.49 -10.08 -5.28
C THR A 70 -5.56 -10.03 -6.36
N SER A 71 -5.69 -8.88 -7.02
CA SER A 71 -6.60 -8.75 -8.13
C SER A 71 -5.84 -8.33 -9.38
N LEU A 72 -5.82 -9.22 -10.37
CA LEU A 72 -5.07 -9.00 -11.62
C LEU A 72 -3.57 -8.92 -11.38
N THR A 73 -2.81 -8.77 -12.47
CA THR A 73 -1.33 -8.70 -12.49
C THR A 73 -0.65 -9.98 -12.00
N ASN A 74 -1.30 -10.72 -11.11
CA ASN A 74 -0.80 -12.00 -10.60
C ASN A 74 0.45 -11.76 -9.78
N LEU A 75 0.74 -10.48 -9.51
CA LEU A 75 1.92 -10.06 -8.78
C LEU A 75 3.20 -10.44 -9.52
N TYR A 76 3.07 -10.72 -10.82
CA TYR A 76 4.22 -11.12 -11.63
C TYR A 76 4.00 -10.77 -13.10
N GLU A 77 3.06 -11.44 -13.72
CA GLU A 77 2.81 -11.28 -15.15
C GLU A 77 1.55 -10.47 -15.41
N PRO A 78 1.71 -9.18 -15.77
CA PRO A 78 0.60 -8.26 -15.98
C PRO A 78 0.04 -8.31 -17.41
N GLY A 79 0.71 -7.62 -18.33
CA GLY A 79 0.25 -7.54 -19.71
C GLY A 79 0.84 -6.33 -20.41
N ALA A 80 -0.01 -5.40 -20.83
CA ALA A 80 0.45 -4.16 -21.43
C ALA A 80 0.11 -3.00 -20.50
N VAL A 81 -1.10 -3.08 -19.96
CA VAL A 81 -1.53 -2.21 -18.89
C VAL A 81 -2.29 -3.03 -17.88
N SER A 82 -2.04 -2.83 -16.60
CA SER A 82 -2.62 -3.67 -15.57
C SER A 82 -2.82 -2.89 -14.28
N GLU A 83 -3.44 -3.53 -13.30
CA GLU A 83 -3.72 -2.90 -12.03
C GLU A 83 -3.03 -3.63 -10.89
N PHE A 84 -2.12 -2.94 -10.21
CA PHE A 84 -1.50 -3.49 -9.01
C PHE A 84 -2.43 -3.30 -7.83
N TYR A 85 -2.99 -4.40 -7.38
CA TYR A 85 -3.93 -4.39 -6.28
C TYR A 85 -3.20 -4.56 -4.96
N ILE A 86 -2.76 -3.46 -4.39
CA ILE A 86 -2.01 -3.48 -3.13
C ILE A 86 -2.99 -3.32 -1.97
N GLU A 87 -3.34 -4.43 -1.34
CA GLU A 87 -4.29 -4.40 -0.24
C GLU A 87 -3.56 -4.40 1.11
N ILE A 88 -3.83 -3.38 1.89
CA ILE A 88 -3.24 -3.23 3.20
C ILE A 88 -4.33 -2.94 4.24
N THR A 89 -4.85 -3.99 4.85
CA THR A 89 -5.76 -3.82 5.97
C THR A 89 -4.98 -3.30 7.18
N GLU A 90 -5.63 -2.47 8.00
CA GLU A 90 -4.99 -1.79 9.12
C GLU A 90 -4.07 -2.73 9.90
N ILE A 91 -2.89 -2.22 10.26
CA ILE A 91 -1.77 -3.03 10.70
C ILE A 91 -2.07 -3.88 11.94
N ASP A 92 -1.40 -5.03 12.00
CA ASP A 92 -1.38 -5.88 13.18
C ASP A 92 -2.76 -6.37 13.54
N LYS A 93 -2.96 -6.57 14.83
CA LYS A 93 -4.24 -7.00 15.31
C LYS A 93 -4.95 -5.85 16.00
N ASN A 94 -4.34 -4.68 15.87
CA ASN A 94 -4.91 -3.40 16.32
C ASN A 94 -5.15 -3.34 17.84
N ALA A 95 -4.72 -4.39 18.54
CA ALA A 95 -5.05 -4.54 19.96
C ALA A 95 -4.18 -3.66 20.86
N ASP A 96 -2.87 -3.90 20.83
CA ASP A 96 -1.94 -3.24 21.76
C ASP A 96 -1.66 -1.80 21.37
N SER A 97 -0.98 -1.10 22.27
CA SER A 97 -0.70 0.31 22.10
C SER A 97 0.68 0.62 22.67
N LEU A 98 1.51 -0.40 22.70
CA LEU A 98 2.82 -0.32 23.33
C LEU A 98 3.81 0.46 22.47
N GLU A 99 4.93 0.84 23.08
CA GLU A 99 5.93 1.66 22.41
C GLU A 99 6.98 0.82 21.69
N HIS A 100 7.26 1.22 20.45
CA HIS A 100 8.34 0.67 19.64
C HIS A 100 8.14 -0.81 19.35
N HIS A 101 8.64 -1.66 20.24
CA HIS A 101 8.61 -3.11 20.06
C HIS A 101 9.17 -3.77 21.31
N HIS A 102 8.61 -4.92 21.68
CA HIS A 102 9.06 -5.62 22.88
C HIS A 102 10.47 -6.18 22.72
N HIS A 103 11.39 -5.64 23.50
CA HIS A 103 12.75 -6.15 23.57
C HIS A 103 13.20 -6.19 25.02
N HIS A 104 13.92 -7.22 25.41
CA HIS A 104 14.39 -7.32 26.79
C HIS A 104 15.60 -6.40 26.98
N HIS A 105 16.46 -6.36 25.97
CA HIS A 105 17.64 -5.51 26.01
C HIS A 105 18.05 -5.16 24.59
N MET A 1 -9.24 9.15 -4.47
CA MET A 1 -9.20 10.22 -3.44
C MET A 1 -7.84 10.24 -2.78
N VAL A 2 -7.52 11.35 -2.12
CA VAL A 2 -6.22 11.55 -1.49
C VAL A 2 -5.13 11.76 -2.54
N LYS A 3 -4.35 12.81 -2.37
CA LYS A 3 -3.30 13.15 -3.32
C LYS A 3 -1.97 12.54 -2.91
N THR A 4 -1.30 13.20 -1.99
CA THR A 4 0.05 12.83 -1.64
C THR A 4 0.06 11.71 -0.61
N LEU A 5 0.02 10.48 -1.08
CA LEU A 5 0.19 9.33 -0.21
C LEU A 5 1.66 8.95 -0.19
N ARG A 6 2.30 9.17 0.95
CA ARG A 6 3.73 8.94 1.04
C ARG A 6 4.01 7.67 1.83
N LEU A 7 4.36 6.61 1.11
CA LEU A 7 4.64 5.32 1.73
C LEU A 7 6.14 5.11 1.87
N ASN A 8 6.58 4.80 3.09
CA ASN A 8 8.00 4.58 3.37
C ASN A 8 8.80 5.83 3.06
N ASN A 9 8.15 6.98 3.22
CA ASN A 9 8.74 8.29 2.97
C ASN A 9 8.95 8.54 1.48
N VAL A 10 8.31 7.73 0.66
CA VAL A 10 8.33 7.93 -0.79
C VAL A 10 6.97 8.40 -1.26
N THR A 11 6.94 9.51 -1.99
CA THR A 11 5.68 10.04 -2.50
C THR A 11 5.12 9.13 -3.59
N LEU A 12 3.84 8.83 -3.51
CA LEU A 12 3.21 7.88 -4.40
C LEU A 12 2.01 8.50 -5.10
N GLU A 13 1.78 8.07 -6.33
CA GLU A 13 0.58 8.45 -7.07
C GLU A 13 -0.29 7.23 -7.28
N MET A 14 -1.58 7.42 -7.45
CA MET A 14 -2.52 6.31 -7.47
C MET A 14 -3.47 6.43 -8.65
N ALA A 15 -4.46 5.55 -8.67
CA ALA A 15 -5.50 5.60 -9.67
C ALA A 15 -6.87 5.52 -9.01
N ALA A 16 -7.11 4.41 -8.30
CA ALA A 16 -8.35 4.26 -7.57
C ALA A 16 -8.07 3.95 -6.10
N TYR A 17 -7.93 5.01 -5.31
CA TYR A 17 -7.80 4.88 -3.86
C TYR A 17 -9.17 4.61 -3.24
N GLN A 18 -9.42 3.37 -2.87
CA GLN A 18 -10.69 3.00 -2.27
C GLN A 18 -10.45 2.44 -0.87
N GLU A 19 -11.03 3.08 0.12
CA GLU A 19 -10.68 2.79 1.52
C GLU A 19 -11.88 2.31 2.33
N GLU A 20 -11.61 1.35 3.20
CA GLU A 20 -12.55 0.91 4.22
C GLU A 20 -12.15 1.56 5.54
N SER A 21 -13.04 2.34 6.10
CA SER A 21 -12.74 3.13 7.28
C SER A 21 -13.37 2.54 8.54
N GLU A 22 -14.22 1.53 8.37
CA GLU A 22 -14.96 1.00 9.51
C GLU A 22 -14.44 -0.27 10.09
N PRO A 23 -14.27 -1.33 9.31
CA PRO A 23 -13.86 -2.58 9.90
C PRO A 23 -12.43 -2.46 10.42
N LYS A 24 -11.76 -1.44 9.90
CA LYS A 24 -10.40 -1.10 10.25
C LYS A 24 -10.03 0.08 9.38
N ARG A 25 -8.77 0.48 9.38
CA ARG A 25 -8.32 1.41 8.36
C ARG A 25 -7.64 0.64 7.24
N LYS A 26 -8.46 0.19 6.29
CA LYS A 26 -8.02 -0.68 5.21
C LYS A 26 -8.04 0.05 3.89
N ILE A 27 -6.87 0.35 3.36
CA ILE A 27 -6.77 1.07 2.10
C ILE A 27 -6.41 0.13 0.96
N ALA A 28 -7.28 0.05 -0.02
CA ALA A 28 -7.04 -0.76 -1.20
C ALA A 28 -6.99 0.14 -2.43
N PHE A 29 -5.79 0.42 -2.91
CA PHE A 29 -5.62 1.33 -4.02
C PHE A 29 -4.86 0.67 -5.15
N THR A 30 -5.20 1.08 -6.36
CA THR A 30 -4.50 0.61 -7.54
C THR A 30 -3.29 1.45 -7.80
N LEU A 31 -2.12 0.83 -7.74
CA LEU A 31 -0.92 1.49 -8.17
C LEU A 31 -0.79 1.26 -9.67
N ASN A 32 -1.18 2.27 -10.43
CA ASN A 32 -1.27 2.17 -11.88
C ASN A 32 0.10 1.90 -12.49
N VAL A 33 0.20 0.80 -13.23
CA VAL A 33 1.46 0.41 -13.84
C VAL A 33 1.39 0.56 -15.35
N THR A 34 1.87 1.68 -15.85
CA THR A 34 1.88 1.93 -17.27
C THR A 34 3.07 1.24 -17.92
N SER A 35 3.14 1.29 -19.24
CA SER A 35 4.25 0.70 -19.97
C SER A 35 5.54 1.49 -19.73
N GLU A 36 5.38 2.73 -19.27
CA GLU A 36 6.51 3.58 -18.92
C GLU A 36 7.28 3.00 -17.73
N THR A 37 6.58 2.81 -16.63
CA THR A 37 7.22 2.40 -15.38
C THR A 37 6.98 0.91 -15.10
N TYR A 38 6.59 0.19 -16.14
CA TYR A 38 6.27 -1.23 -16.03
C TYR A 38 7.44 -2.02 -15.45
N HIS A 39 8.60 -1.91 -16.09
CA HIS A 39 9.79 -2.67 -15.69
C HIS A 39 10.19 -2.41 -14.24
N ASP A 40 9.92 -1.21 -13.74
CA ASP A 40 10.33 -0.83 -12.40
C ASP A 40 9.44 -1.50 -11.36
N ILE A 41 8.14 -1.36 -11.54
CA ILE A 41 7.16 -1.89 -10.60
C ILE A 41 7.05 -3.41 -10.76
N ALA A 42 7.50 -3.92 -11.90
CA ALA A 42 7.55 -5.36 -12.10
C ALA A 42 8.52 -6.01 -11.13
N VAL A 43 9.47 -5.22 -10.65
CA VAL A 43 10.42 -5.68 -9.64
C VAL A 43 9.88 -5.41 -8.24
N LEU A 44 9.24 -4.25 -8.07
CA LEU A 44 8.67 -3.87 -6.78
C LEU A 44 7.23 -4.33 -6.67
N LEU A 45 7.02 -5.48 -6.05
CA LEU A 45 5.69 -6.05 -5.96
C LEU A 45 5.24 -6.16 -4.51
N TYR A 46 4.56 -5.09 -4.09
CA TYR A 46 3.91 -4.97 -2.76
C TYR A 46 4.76 -5.52 -1.60
N GLU A 47 5.41 -4.61 -0.89
CA GLU A 47 6.21 -5.00 0.28
C GLU A 47 5.32 -5.44 1.44
N LYS A 48 5.95 -5.58 2.60
CA LYS A 48 5.23 -5.98 3.79
C LYS A 48 4.89 -4.76 4.63
N THR A 49 5.91 -4.09 5.14
CA THR A 49 5.74 -2.93 5.99
C THR A 49 5.72 -1.63 5.19
N PHE A 50 4.62 -0.89 5.29
CA PHE A 50 4.53 0.41 4.64
C PHE A 50 4.35 1.50 5.68
N ASN A 51 5.33 2.38 5.78
CA ASN A 51 5.22 3.54 6.65
C ASN A 51 4.30 4.55 5.99
N VAL A 52 3.02 4.53 6.38
CA VAL A 52 2.02 5.39 5.77
C VAL A 52 2.05 6.79 6.39
N GLU A 53 2.46 7.76 5.59
CA GLU A 53 2.51 9.13 6.04
C GLU A 53 1.79 10.02 5.06
N VAL A 54 0.63 10.49 5.49
CA VAL A 54 -0.19 11.34 4.67
C VAL A 54 -0.93 12.37 5.54
N PRO A 55 -0.52 13.65 5.46
CA PRO A 55 -1.12 14.73 6.25
C PRO A 55 -2.59 14.96 5.90
N GLU A 56 -2.96 14.57 4.69
CA GLU A 56 -4.31 14.75 4.18
C GLU A 56 -5.29 13.77 4.85
N ARG A 57 -4.76 12.64 5.30
CA ARG A 57 -5.55 11.67 6.06
C ARG A 57 -5.15 11.70 7.52
N ASP A 58 -4.30 12.68 7.86
CA ASP A 58 -3.77 12.81 9.21
C ASP A 58 -3.11 11.51 9.66
N LEU A 59 -2.49 10.80 8.70
CA LEU A 59 -1.97 9.49 8.98
C LEU A 59 -0.45 9.50 9.09
N ALA A 60 0.03 9.12 10.26
CA ALA A 60 1.43 8.80 10.44
C ALA A 60 1.50 7.47 11.16
N PHE A 61 1.39 6.40 10.40
CA PHE A 61 1.20 5.07 10.95
C PHE A 61 1.82 4.03 10.04
N ARG A 62 2.37 2.97 10.60
CA ARG A 62 2.99 1.92 9.83
C ARG A 62 1.98 0.83 9.50
N GLY A 63 1.41 0.91 8.31
CA GLY A 63 0.46 -0.10 7.90
C GLY A 63 1.14 -1.18 7.09
N GLU A 64 1.26 -2.36 7.67
CA GLU A 64 1.86 -3.47 6.98
C GLU A 64 0.78 -4.41 6.48
N MET A 65 0.99 -4.97 5.29
CA MET A 65 -0.02 -5.80 4.64
C MET A 65 -0.41 -7.00 5.48
N THR A 66 -1.70 -7.08 5.80
CA THR A 66 -2.23 -8.18 6.59
C THR A 66 -2.96 -9.18 5.69
N ASN A 67 -2.94 -8.90 4.40
CA ASN A 67 -3.57 -9.77 3.41
C ASN A 67 -2.61 -10.87 2.99
N TYR A 68 -3.10 -11.81 2.21
CA TYR A 68 -2.29 -12.93 1.77
C TYR A 68 -2.06 -12.88 0.26
N SER A 69 -2.29 -11.69 -0.30
CA SER A 69 -2.16 -11.45 -1.73
C SER A 69 -3.21 -12.24 -2.50
N THR A 70 -4.36 -11.60 -2.74
CA THR A 70 -5.43 -12.21 -3.49
C THR A 70 -5.04 -12.36 -4.96
N SER A 71 -4.35 -11.36 -5.48
CA SER A 71 -4.02 -11.29 -6.90
C SER A 71 -2.66 -10.65 -7.12
N LEU A 72 -2.28 -10.52 -8.38
CA LEU A 72 -1.03 -9.88 -8.75
C LEU A 72 -1.30 -8.44 -9.20
N THR A 73 -0.97 -8.10 -10.44
CA THR A 73 -1.29 -6.80 -11.01
C THR A 73 -2.77 -6.77 -11.41
N ASN A 74 -3.62 -7.22 -10.50
CA ASN A 74 -5.06 -7.34 -10.74
C ASN A 74 -5.85 -6.89 -9.51
N LEU A 75 -6.44 -5.70 -9.57
CA LEU A 75 -7.31 -5.24 -8.50
C LEU A 75 -8.71 -5.02 -9.06
N TYR A 76 -8.76 -4.51 -10.28
CA TYR A 76 -10.00 -4.38 -11.02
C TYR A 76 -9.90 -5.18 -12.31
N GLU A 77 -9.28 -4.58 -13.33
CA GLU A 77 -8.99 -5.26 -14.57
C GLU A 77 -8.08 -4.40 -15.46
N PRO A 78 -6.85 -4.85 -15.72
CA PRO A 78 -5.89 -4.14 -16.56
C PRO A 78 -6.13 -4.38 -18.05
N GLY A 79 -5.56 -3.50 -18.87
CA GLY A 79 -5.66 -3.63 -20.31
C GLY A 79 -4.36 -3.28 -21.00
N ALA A 80 -4.35 -2.16 -21.73
CA ALA A 80 -3.12 -1.65 -22.31
C ALA A 80 -2.26 -1.00 -21.23
N VAL A 81 -2.83 -0.92 -20.04
CA VAL A 81 -2.15 -0.41 -18.86
C VAL A 81 -2.42 -1.36 -17.70
N SER A 82 -1.44 -1.55 -16.83
CA SER A 82 -1.59 -2.47 -15.71
C SER A 82 -1.91 -1.70 -14.43
N GLU A 83 -2.21 -2.45 -13.38
CA GLU A 83 -2.61 -1.85 -12.11
C GLU A 83 -2.23 -2.76 -10.94
N PHE A 84 -1.31 -2.31 -10.10
CA PHE A 84 -0.87 -3.13 -8.99
C PHE A 84 -1.89 -3.11 -7.86
N TYR A 85 -2.34 -4.30 -7.50
CA TYR A 85 -3.27 -4.49 -6.42
C TYR A 85 -2.55 -4.33 -5.08
N ILE A 86 -2.70 -3.15 -4.48
CA ILE A 86 -2.07 -2.86 -3.21
C ILE A 86 -3.12 -2.82 -2.10
N GLU A 87 -3.18 -3.89 -1.31
CA GLU A 87 -4.16 -3.98 -0.24
C GLU A 87 -3.48 -3.83 1.12
N ILE A 88 -3.57 -2.65 1.70
CA ILE A 88 -2.95 -2.39 2.99
C ILE A 88 -4.02 -2.23 4.06
N THR A 89 -4.15 -3.24 4.90
CA THR A 89 -5.07 -3.19 6.00
C THR A 89 -4.34 -2.80 7.27
N GLU A 90 -4.96 -1.94 8.05
CA GLU A 90 -4.40 -1.48 9.32
C GLU A 90 -3.90 -2.65 10.16
N ILE A 91 -2.64 -2.59 10.56
CA ILE A 91 -2.05 -3.61 11.40
C ILE A 91 -2.67 -3.57 12.80
N ASP A 92 -2.68 -4.71 13.47
CA ASP A 92 -3.19 -4.77 14.84
C ASP A 92 -2.32 -3.95 15.77
N LYS A 93 -2.89 -3.55 16.89
CA LYS A 93 -2.22 -2.65 17.82
C LYS A 93 -1.86 -3.40 19.10
N ASN A 94 -1.79 -4.71 18.97
CA ASN A 94 -1.55 -5.61 20.09
C ASN A 94 -0.10 -5.63 20.52
N ALA A 95 0.37 -4.48 20.89
CA ALA A 95 1.73 -4.31 21.40
C ALA A 95 2.79 -4.63 20.36
N ASP A 96 4.01 -4.84 20.82
CA ASP A 96 5.13 -5.18 19.94
C ASP A 96 5.30 -6.69 19.86
N SER A 97 6.02 -7.12 18.85
CA SER A 97 6.24 -8.53 18.59
C SER A 97 7.52 -8.73 17.78
N LEU A 98 8.43 -7.78 17.88
CA LEU A 98 9.63 -7.80 17.06
C LEU A 98 10.87 -8.24 17.82
N GLU A 99 11.44 -9.32 17.34
CA GLU A 99 12.73 -9.82 17.81
C GLU A 99 13.43 -10.50 16.66
N HIS A 100 14.69 -10.89 16.88
CA HIS A 100 15.51 -11.60 15.87
C HIS A 100 15.95 -10.65 14.75
N HIS A 101 14.99 -9.92 14.21
CA HIS A 101 15.24 -9.03 13.08
C HIS A 101 14.58 -7.67 13.30
N HIS A 102 14.93 -6.74 12.43
CA HIS A 102 14.32 -5.41 12.43
C HIS A 102 13.51 -5.26 11.15
N HIS A 103 13.41 -4.04 10.65
CA HIS A 103 12.81 -3.82 9.35
C HIS A 103 13.83 -4.17 8.28
N HIS A 104 13.40 -4.97 7.30
CA HIS A 104 14.24 -5.53 6.21
C HIS A 104 15.41 -6.40 6.72
N HIS A 105 16.05 -6.02 7.82
CA HIS A 105 17.12 -6.83 8.41
C HIS A 105 17.19 -6.60 9.91
N MET A 1 -10.93 12.10 -1.20
CA MET A 1 -9.71 12.17 -2.05
C MET A 1 -8.53 11.51 -1.37
N VAL A 2 -7.96 12.19 -0.37
CA VAL A 2 -6.73 11.75 0.28
C VAL A 2 -5.62 11.68 -0.78
N LYS A 3 -5.61 12.69 -1.64
CA LYS A 3 -4.68 12.72 -2.75
C LYS A 3 -3.34 13.27 -2.30
N THR A 4 -3.37 14.11 -1.28
CA THR A 4 -2.15 14.57 -0.64
C THR A 4 -1.62 13.45 0.25
N LEU A 5 -0.92 12.50 -0.35
CA LEU A 5 -0.48 11.32 0.34
C LEU A 5 0.95 10.96 -0.06
N ARG A 6 1.77 10.62 0.92
CA ARG A 6 3.12 10.20 0.64
C ARG A 6 3.46 8.94 1.43
N LEU A 7 4.21 8.04 0.81
CA LEU A 7 4.65 6.82 1.45
C LEU A 7 6.16 6.82 1.56
N ASN A 8 6.66 6.83 2.80
CA ASN A 8 8.10 6.88 3.05
C ASN A 8 8.72 8.12 2.41
N ASN A 9 8.03 9.26 2.58
CA ASN A 9 8.48 10.56 2.07
C ASN A 9 8.25 10.70 0.56
N VAL A 10 7.87 9.62 -0.09
CA VAL A 10 7.64 9.63 -1.53
C VAL A 10 6.19 9.90 -1.82
N THR A 11 5.93 11.03 -2.45
CA THR A 11 4.57 11.44 -2.76
C THR A 11 3.98 10.54 -3.85
N LEU A 12 2.79 10.01 -3.59
CA LEU A 12 2.19 9.03 -4.47
C LEU A 12 1.00 9.61 -5.22
N GLU A 13 0.69 9.01 -6.36
CA GLU A 13 -0.49 9.35 -7.14
C GLU A 13 -1.39 8.13 -7.25
N MET A 14 -2.64 8.28 -6.82
CA MET A 14 -3.56 7.16 -6.81
C MET A 14 -4.80 7.55 -7.57
N ALA A 15 -5.02 6.90 -8.68
CA ALA A 15 -6.17 7.18 -9.52
C ALA A 15 -7.46 6.78 -8.82
N ALA A 16 -7.45 5.57 -8.27
CA ALA A 16 -8.57 5.08 -7.51
C ALA A 16 -8.12 4.66 -6.12
N TYR A 17 -8.03 5.63 -5.24
CA TYR A 17 -7.66 5.36 -3.86
C TYR A 17 -8.86 4.81 -3.11
N GLN A 18 -8.98 3.49 -3.08
CA GLN A 18 -10.09 2.84 -2.41
C GLN A 18 -9.67 2.45 -1.00
N GLU A 19 -10.52 2.72 -0.04
CA GLU A 19 -10.20 2.38 1.34
C GLU A 19 -11.34 1.62 2.00
N GLU A 20 -11.02 0.99 3.10
CA GLU A 20 -11.97 0.37 3.99
C GLU A 20 -11.56 0.71 5.40
N SER A 21 -12.41 1.40 6.13
CA SER A 21 -12.07 1.84 7.46
C SER A 21 -12.80 1.06 8.53
N GLU A 22 -13.90 0.40 8.17
CA GLU A 22 -14.75 -0.22 9.19
C GLU A 22 -14.58 -1.70 9.36
N PRO A 23 -14.55 -2.48 8.28
CA PRO A 23 -14.16 -3.88 8.40
C PRO A 23 -12.84 -4.00 9.14
N LYS A 24 -11.97 -3.06 8.81
CA LYS A 24 -10.63 -2.93 9.36
C LYS A 24 -9.98 -1.78 8.62
N ARG A 25 -9.08 -1.04 9.24
CA ARG A 25 -8.42 0.06 8.54
C ARG A 25 -7.45 -0.47 7.48
N LYS A 26 -7.94 -0.65 6.27
CA LYS A 26 -7.15 -1.18 5.18
C LYS A 26 -7.30 -0.32 3.93
N ILE A 27 -6.21 -0.10 3.23
CA ILE A 27 -6.23 0.74 2.05
C ILE A 27 -5.79 -0.02 0.81
N ALA A 28 -6.55 0.12 -0.26
CA ALA A 28 -6.23 -0.54 -1.52
C ALA A 28 -6.32 0.46 -2.66
N PHE A 29 -5.20 1.05 -3.03
CA PHE A 29 -5.20 2.04 -4.08
C PHE A 29 -4.91 1.39 -5.43
N THR A 30 -5.67 1.79 -6.42
CA THR A 30 -5.48 1.30 -7.77
C THR A 30 -4.36 2.10 -8.44
N LEU A 31 -3.26 1.42 -8.71
CA LEU A 31 -2.08 2.07 -9.25
C LEU A 31 -1.87 1.62 -10.68
N ASN A 32 -2.22 2.47 -11.63
CA ASN A 32 -2.10 2.11 -13.03
C ASN A 32 -0.70 2.36 -13.56
N VAL A 33 0.12 1.31 -13.44
CA VAL A 33 1.51 1.34 -13.85
C VAL A 33 1.61 1.34 -15.36
N THR A 34 2.51 2.14 -15.89
CA THR A 34 2.60 2.30 -17.33
C THR A 34 3.71 1.43 -17.92
N SER A 35 3.87 1.49 -19.23
CA SER A 35 4.82 0.63 -19.93
C SER A 35 6.23 1.24 -19.93
N GLU A 36 6.35 2.44 -19.33
CA GLU A 36 7.63 3.14 -19.27
C GLU A 36 8.69 2.29 -18.58
N THR A 37 8.32 1.69 -17.47
CA THR A 37 9.25 0.89 -16.69
C THR A 37 8.47 -0.25 -16.02
N TYR A 38 7.57 -0.84 -16.79
CA TYR A 38 6.62 -1.83 -16.30
C TYR A 38 7.30 -3.09 -15.76
N HIS A 39 8.36 -3.55 -16.42
CA HIS A 39 8.92 -4.87 -16.13
C HIS A 39 9.35 -5.01 -14.68
N ASP A 40 10.17 -4.10 -14.18
CA ASP A 40 10.72 -4.23 -12.85
C ASP A 40 9.65 -3.97 -11.79
N ILE A 41 8.70 -3.11 -12.11
CA ILE A 41 7.59 -2.84 -11.20
C ILE A 41 6.70 -4.08 -11.06
N ALA A 42 6.57 -4.83 -12.15
CA ALA A 42 5.82 -6.07 -12.15
C ALA A 42 6.51 -7.11 -11.29
N VAL A 43 7.83 -7.02 -11.20
CA VAL A 43 8.62 -7.93 -10.38
C VAL A 43 8.45 -7.57 -8.90
N LEU A 44 8.25 -6.30 -8.62
CA LEU A 44 8.00 -5.85 -7.26
C LEU A 44 6.61 -6.25 -6.80
N LEU A 45 6.59 -7.23 -5.91
CA LEU A 45 5.37 -7.80 -5.41
C LEU A 45 5.27 -7.51 -3.93
N TYR A 46 4.57 -6.43 -3.62
CA TYR A 46 4.40 -5.97 -2.25
C TYR A 46 5.70 -5.38 -1.74
N GLU A 47 5.80 -5.28 -0.42
CA GLU A 47 7.02 -4.87 0.25
C GLU A 47 6.83 -4.94 1.77
N LYS A 48 7.61 -4.15 2.50
CA LYS A 48 7.55 -4.13 3.95
C LYS A 48 6.62 -3.02 4.45
N THR A 49 6.92 -2.43 5.60
CA THR A 49 6.04 -1.41 6.19
C THR A 49 6.23 -0.05 5.54
N PHE A 50 5.14 0.68 5.40
CA PHE A 50 5.17 2.01 4.81
C PHE A 50 4.52 3.02 5.74
N ASN A 51 5.19 4.13 5.99
CA ASN A 51 4.61 5.18 6.83
C ASN A 51 3.72 6.08 5.98
N VAL A 52 2.42 5.82 6.09
CA VAL A 52 1.42 6.56 5.34
C VAL A 52 1.21 7.93 5.98
N GLU A 53 1.52 8.97 5.22
CA GLU A 53 1.38 10.33 5.71
C GLU A 53 0.46 11.13 4.82
N VAL A 54 -0.62 11.58 5.41
CA VAL A 54 -1.57 12.43 4.73
C VAL A 54 -1.69 13.76 5.47
N PRO A 55 -1.09 14.82 4.91
CA PRO A 55 -1.08 16.17 5.51
C PRO A 55 -2.48 16.74 5.70
N GLU A 56 -3.42 16.28 4.87
CA GLU A 56 -4.80 16.76 4.94
C GLU A 56 -5.42 16.45 6.29
N ARG A 57 -5.14 15.26 6.80
CA ARG A 57 -5.77 14.78 8.03
C ARG A 57 -4.72 14.46 9.09
N ASP A 58 -3.52 15.00 8.88
CA ASP A 58 -2.37 14.82 9.78
C ASP A 58 -2.23 13.38 10.28
N LEU A 59 -2.55 12.43 9.42
CA LEU A 59 -2.51 11.03 9.80
C LEU A 59 -1.15 10.44 9.46
N ALA A 60 -0.41 10.05 10.49
CA ALA A 60 0.86 9.38 10.31
C ALA A 60 0.75 7.94 10.81
N PHE A 61 0.56 7.01 9.89
CA PHE A 61 0.35 5.62 10.24
C PHE A 61 1.18 4.71 9.36
N ARG A 62 1.99 3.90 9.99
CA ARG A 62 2.86 2.97 9.26
C ARG A 62 2.20 1.60 9.19
N GLY A 63 1.55 1.34 8.07
CA GLY A 63 0.88 0.07 7.88
C GLY A 63 1.83 -1.01 7.41
N GLU A 64 1.33 -2.22 7.29
CA GLU A 64 2.16 -3.35 6.91
C GLU A 64 1.58 -4.07 5.71
N MET A 65 2.41 -4.84 5.04
CA MET A 65 1.96 -5.70 3.97
C MET A 65 2.05 -7.16 4.40
N THR A 66 0.96 -7.67 4.96
CA THR A 66 0.90 -9.06 5.38
C THR A 66 0.84 -10.02 4.19
N ASN A 67 0.77 -9.45 2.99
CA ASN A 67 0.76 -10.23 1.74
C ASN A 67 -0.50 -11.07 1.59
N TYR A 68 -1.45 -10.58 0.80
CA TYR A 68 -2.68 -11.32 0.58
C TYR A 68 -2.63 -12.06 -0.76
N SER A 69 -2.24 -11.36 -1.81
CA SER A 69 -2.21 -11.95 -3.14
C SER A 69 -0.82 -11.77 -3.77
N THR A 70 -0.64 -12.36 -4.94
CA THR A 70 0.64 -12.30 -5.64
C THR A 70 0.51 -11.50 -6.95
N SER A 71 -0.50 -10.64 -7.02
CA SER A 71 -0.73 -9.85 -8.22
C SER A 71 -0.59 -8.35 -7.93
N LEU A 72 0.13 -8.01 -6.86
CA LEU A 72 0.26 -6.61 -6.47
C LEU A 72 1.56 -6.00 -6.97
N THR A 73 1.51 -5.49 -8.18
CA THR A 73 2.58 -4.71 -8.79
C THR A 73 2.78 -3.40 -8.03
N ASN A 74 3.95 -3.25 -7.39
CA ASN A 74 4.15 -2.23 -6.36
C ASN A 74 5.29 -1.25 -6.70
N LEU A 75 5.18 -0.03 -6.17
CA LEU A 75 6.22 1.02 -6.26
C LEU A 75 6.28 1.67 -7.63
N TYR A 76 6.95 2.84 -7.68
CA TYR A 76 7.23 3.57 -8.91
C TYR A 76 5.99 4.20 -9.50
N GLU A 77 5.96 5.53 -9.48
CA GLU A 77 4.90 6.31 -10.13
C GLU A 77 5.32 6.61 -11.57
N PRO A 78 4.80 5.84 -12.55
CA PRO A 78 5.21 5.91 -13.93
C PRO A 78 4.22 6.63 -14.86
N GLY A 79 3.17 7.21 -14.28
CA GLY A 79 2.14 7.82 -15.08
C GLY A 79 0.77 7.21 -14.82
N ALA A 80 0.06 6.87 -15.88
CA ALA A 80 -1.27 6.28 -15.75
C ALA A 80 -1.60 5.31 -16.89
N VAL A 81 -1.46 4.00 -16.65
CA VAL A 81 -1.83 2.98 -17.65
C VAL A 81 -2.50 1.74 -17.02
N SER A 82 -1.69 0.78 -16.61
CA SER A 82 -2.16 -0.55 -16.21
C SER A 82 -2.66 -0.57 -14.77
N GLU A 83 -3.98 -0.56 -14.61
CA GLU A 83 -4.60 -0.54 -13.29
C GLU A 83 -4.19 -1.73 -12.44
N PHE A 84 -3.23 -1.50 -11.55
CA PHE A 84 -2.82 -2.46 -10.56
C PHE A 84 -3.40 -2.07 -9.21
N TYR A 85 -3.03 -2.79 -8.16
CA TYR A 85 -3.56 -2.49 -6.84
C TYR A 85 -2.58 -2.86 -5.75
N ILE A 86 -2.37 -1.94 -4.83
CA ILE A 86 -1.51 -2.15 -3.67
C ILE A 86 -2.34 -2.00 -2.42
N GLU A 87 -2.46 -3.09 -1.67
CA GLU A 87 -3.31 -3.09 -0.49
C GLU A 87 -2.48 -3.23 0.77
N ILE A 88 -2.56 -2.23 1.62
CA ILE A 88 -1.92 -2.27 2.92
C ILE A 88 -2.98 -2.42 3.99
N THR A 89 -2.79 -3.39 4.86
CA THR A 89 -3.71 -3.64 5.92
C THR A 89 -3.21 -2.98 7.19
N GLU A 90 -4.15 -2.57 8.04
CA GLU A 90 -3.82 -2.01 9.35
C GLU A 90 -2.83 -2.90 10.07
N ILE A 91 -1.67 -2.33 10.42
CA ILE A 91 -0.65 -3.07 11.12
C ILE A 91 -1.18 -3.59 12.45
N ASP A 92 -1.03 -4.88 12.66
CA ASP A 92 -1.44 -5.49 13.91
C ASP A 92 -0.24 -5.82 14.76
N LYS A 93 -0.48 -6.52 15.86
CA LYS A 93 0.57 -6.89 16.78
C LYS A 93 1.34 -8.10 16.26
N ASN A 94 1.13 -8.38 15.00
CA ASN A 94 1.78 -9.49 14.31
C ASN A 94 3.22 -9.12 13.92
N ALA A 95 3.39 -7.88 13.45
CA ALA A 95 4.71 -7.42 13.02
C ALA A 95 5.57 -7.05 14.23
N ASP A 96 5.30 -5.91 14.82
CA ASP A 96 5.99 -5.48 16.04
C ASP A 96 4.98 -4.88 17.00
N SER A 97 5.41 -4.63 18.22
CA SER A 97 4.55 -3.99 19.21
C SER A 97 5.37 -3.02 20.06
N LEU A 98 6.54 -2.67 19.56
CA LEU A 98 7.42 -1.78 20.27
C LEU A 98 7.28 -0.36 19.75
N GLU A 99 6.48 0.43 20.43
CA GLU A 99 6.20 1.80 20.02
C GLU A 99 7.40 2.71 20.24
N HIS A 100 8.07 3.08 19.17
CA HIS A 100 9.09 4.10 19.22
C HIS A 100 8.48 5.45 18.87
N HIS A 101 7.34 5.76 19.49
CA HIS A 101 6.63 6.99 19.20
C HIS A 101 7.43 8.22 19.63
N HIS A 102 8.11 8.82 18.66
CA HIS A 102 8.87 10.03 18.90
C HIS A 102 8.43 11.12 17.95
N HIS A 103 7.77 12.14 18.47
CA HIS A 103 7.43 13.29 17.67
C HIS A 103 7.75 14.58 18.40
N HIS A 104 8.67 15.36 17.84
CA HIS A 104 9.05 16.64 18.41
C HIS A 104 8.08 17.72 17.92
N HIS A 105 7.01 17.27 17.30
CA HIS A 105 5.98 18.14 16.78
C HIS A 105 4.62 17.55 17.10
N MET A 1 -10.63 9.64 -4.99
CA MET A 1 -10.54 9.53 -3.51
C MET A 1 -9.10 9.68 -3.05
N VAL A 2 -8.89 10.62 -2.12
CA VAL A 2 -7.56 10.95 -1.60
C VAL A 2 -6.72 11.68 -2.67
N LYS A 3 -6.04 12.73 -2.25
CA LYS A 3 -5.25 13.54 -3.16
C LYS A 3 -3.78 13.60 -2.76
N THR A 4 -3.53 13.87 -1.48
CA THR A 4 -2.17 14.06 -1.02
C THR A 4 -1.72 12.87 -0.18
N LEU A 5 -1.08 11.91 -0.82
CA LEU A 5 -0.56 10.76 -0.11
C LEU A 5 0.91 10.52 -0.45
N ARG A 6 1.69 10.17 0.57
CA ARG A 6 3.08 9.79 0.39
C ARG A 6 3.46 8.69 1.36
N LEU A 7 4.17 7.69 0.88
CA LEU A 7 4.54 6.55 1.69
C LEU A 7 5.98 6.67 2.18
N ASN A 8 6.14 6.69 3.50
CA ASN A 8 7.45 6.84 4.16
C ASN A 8 8.01 8.24 3.99
N ASN A 9 8.12 8.67 2.73
CA ASN A 9 8.67 9.97 2.40
C ASN A 9 8.40 10.30 0.93
N VAL A 10 8.18 9.28 0.12
CA VAL A 10 8.03 9.46 -1.31
C VAL A 10 6.57 9.73 -1.66
N THR A 11 6.34 10.74 -2.47
CA THR A 11 4.98 11.11 -2.81
C THR A 11 4.40 10.10 -3.79
N LEU A 12 3.12 9.85 -3.69
CA LEU A 12 2.49 8.80 -4.47
C LEU A 12 1.38 9.33 -5.36
N GLU A 13 1.44 8.94 -6.61
CA GLU A 13 0.38 9.22 -7.56
C GLU A 13 -0.51 7.99 -7.67
N MET A 14 -1.74 8.17 -8.16
CA MET A 14 -2.70 7.09 -8.18
C MET A 14 -3.75 7.31 -9.26
N ALA A 15 -4.54 6.29 -9.49
CA ALA A 15 -5.65 6.38 -10.42
C ALA A 15 -6.95 6.10 -9.68
N ALA A 16 -7.03 4.93 -9.06
CA ALA A 16 -8.20 4.53 -8.32
C ALA A 16 -7.82 4.09 -6.91
N TYR A 17 -7.71 5.05 -6.01
CA TYR A 17 -7.42 4.77 -4.60
C TYR A 17 -8.70 4.40 -3.87
N GLN A 18 -8.85 3.12 -3.54
CA GLN A 18 -10.00 2.67 -2.76
C GLN A 18 -9.67 2.72 -1.27
N GLU A 19 -10.39 3.54 -0.53
CA GLU A 19 -10.15 3.67 0.89
C GLU A 19 -11.43 3.43 1.68
N GLU A 20 -11.31 2.61 2.70
CA GLU A 20 -12.38 2.37 3.64
C GLU A 20 -11.79 2.40 5.06
N SER A 21 -12.03 3.50 5.75
CA SER A 21 -11.42 3.74 7.05
C SER A 21 -12.25 3.08 8.16
N GLU A 22 -13.53 2.88 7.89
CA GLU A 22 -14.42 2.28 8.87
C GLU A 22 -14.46 0.78 8.73
N PRO A 23 -15.40 0.09 9.43
CA PRO A 23 -15.18 -1.13 10.20
C PRO A 23 -13.73 -1.64 10.38
N LYS A 24 -12.88 -1.42 9.40
CA LYS A 24 -11.48 -1.82 9.48
C LYS A 24 -10.72 -1.14 8.36
N ARG A 25 -9.69 -0.41 8.72
CA ARG A 25 -8.94 0.40 7.76
C ARG A 25 -8.32 -0.46 6.67
N LYS A 26 -8.87 -0.38 5.48
CA LYS A 26 -8.35 -1.10 4.33
C LYS A 26 -8.20 -0.14 3.15
N ILE A 27 -7.02 -0.14 2.55
CA ILE A 27 -6.73 0.75 1.44
C ILE A 27 -6.07 0.01 0.29
N ALA A 28 -6.71 0.04 -0.86
CA ALA A 28 -6.19 -0.62 -2.03
C ALA A 28 -6.30 0.29 -3.24
N PHE A 29 -5.17 0.75 -3.75
CA PHE A 29 -5.20 1.68 -4.86
C PHE A 29 -4.66 1.05 -6.13
N THR A 30 -5.30 1.37 -7.24
CA THR A 30 -4.86 0.92 -8.54
C THR A 30 -3.74 1.82 -9.06
N LEU A 31 -2.56 1.25 -9.19
CA LEU A 31 -1.40 1.98 -9.69
C LEU A 31 -1.10 1.51 -11.11
N ASN A 32 -1.29 2.39 -12.07
CA ASN A 32 -1.10 2.03 -13.46
C ASN A 32 0.34 2.27 -13.94
N VAL A 33 1.11 1.20 -13.94
CA VAL A 33 2.52 1.25 -14.32
C VAL A 33 2.68 1.36 -15.83
N THR A 34 3.59 2.22 -16.30
CA THR A 34 3.71 2.46 -17.72
C THR A 34 4.66 1.45 -18.35
N SER A 35 4.50 1.23 -19.66
CA SER A 35 5.20 0.15 -20.37
C SER A 35 6.72 0.24 -20.25
N GLU A 36 7.25 1.45 -20.14
CA GLU A 36 8.70 1.65 -20.14
C GLU A 36 9.33 1.07 -18.87
N THR A 37 8.89 1.58 -17.74
CA THR A 37 9.42 1.18 -16.44
C THR A 37 8.81 -0.14 -15.96
N TYR A 38 7.77 -0.58 -16.68
CA TYR A 38 7.03 -1.80 -16.36
C TYR A 38 7.95 -3.00 -16.11
N HIS A 39 9.05 -3.07 -16.84
CA HIS A 39 9.92 -4.24 -16.81
C HIS A 39 10.60 -4.39 -15.45
N ASP A 40 11.25 -3.34 -14.98
CA ASP A 40 11.95 -3.40 -13.69
C ASP A 40 10.96 -3.41 -12.54
N ILE A 41 9.85 -2.72 -12.74
CA ILE A 41 8.76 -2.68 -11.78
C ILE A 41 8.12 -4.06 -11.65
N ALA A 42 8.29 -4.88 -12.68
CA ALA A 42 7.79 -6.25 -12.66
C ALA A 42 8.70 -7.14 -11.81
N VAL A 43 9.85 -6.61 -11.42
CA VAL A 43 10.77 -7.34 -10.56
C VAL A 43 10.53 -6.99 -9.09
N LEU A 44 10.11 -5.75 -8.86
CA LEU A 44 9.81 -5.31 -7.49
C LEU A 44 8.55 -5.98 -6.96
N LEU A 45 8.35 -5.94 -5.65
CA LEU A 45 7.22 -6.58 -5.01
C LEU A 45 6.58 -5.63 -4.00
N TYR A 46 5.56 -6.14 -3.33
CA TYR A 46 4.89 -5.44 -2.23
C TYR A 46 5.91 -5.09 -1.15
N GLU A 47 6.90 -5.99 -1.04
CA GLU A 47 8.03 -5.87 -0.13
C GLU A 47 7.63 -6.10 1.32
N LYS A 48 7.44 -5.04 2.09
CA LYS A 48 7.25 -5.18 3.54
C LYS A 48 6.15 -4.26 4.07
N THR A 49 6.55 -3.08 4.53
CA THR A 49 5.64 -2.18 5.21
C THR A 49 5.62 -0.82 4.55
N PHE A 50 4.62 -0.03 4.90
CA PHE A 50 4.44 1.29 4.33
C PHE A 50 3.99 2.28 5.39
N ASN A 51 4.71 3.38 5.51
CA ASN A 51 4.28 4.48 6.36
C ASN A 51 3.28 5.32 5.60
N VAL A 52 2.01 5.11 5.90
CA VAL A 52 0.93 5.82 5.24
C VAL A 52 0.64 7.11 6.00
N GLU A 53 1.20 8.21 5.52
CA GLU A 53 1.00 9.49 6.15
C GLU A 53 0.27 10.42 5.20
N VAL A 54 -0.87 10.89 5.66
CA VAL A 54 -1.76 11.67 4.84
C VAL A 54 -2.19 12.95 5.57
N PRO A 55 -1.82 14.12 5.02
CA PRO A 55 -2.10 15.41 5.64
C PRO A 55 -3.57 15.81 5.57
N GLU A 56 -4.23 15.47 4.47
CA GLU A 56 -5.63 15.84 4.25
C GLU A 56 -6.55 15.19 5.29
N ARG A 57 -6.21 13.96 5.68
CA ARG A 57 -6.99 13.23 6.68
C ARG A 57 -6.33 13.35 8.05
N ASP A 58 -5.14 13.95 8.06
CA ASP A 58 -4.31 14.04 9.26
C ASP A 58 -4.12 12.66 9.90
N LEU A 59 -3.42 11.80 9.20
CA LEU A 59 -3.24 10.43 9.65
C LEU A 59 -1.80 10.00 9.44
N ALA A 60 -1.17 9.55 10.52
CA ALA A 60 0.17 8.99 10.45
C ALA A 60 0.14 7.53 10.90
N PHE A 61 0.08 6.62 9.94
CA PHE A 61 -0.07 5.20 10.24
C PHE A 61 0.99 4.39 9.49
N ARG A 62 1.45 3.32 10.09
CA ARG A 62 2.40 2.44 9.44
C ARG A 62 1.86 1.02 9.40
N GLY A 63 1.49 0.57 8.21
CA GLY A 63 0.90 -0.74 8.07
C GLY A 63 1.62 -1.58 7.04
N GLU A 64 1.94 -2.81 7.41
CA GLU A 64 2.54 -3.75 6.48
C GLU A 64 1.45 -4.66 5.92
N MET A 65 1.64 -5.13 4.70
CA MET A 65 0.61 -5.90 4.02
C MET A 65 0.33 -7.21 4.73
N THR A 66 -0.95 -7.49 4.88
CA THR A 66 -1.40 -8.75 5.44
C THR A 66 -1.69 -9.74 4.32
N ASN A 67 -1.77 -9.20 3.11
CA ASN A 67 -2.18 -9.98 1.95
C ASN A 67 -1.06 -10.01 0.93
N TYR A 68 -0.71 -11.19 0.48
CA TYR A 68 0.31 -11.36 -0.55
C TYR A 68 -0.24 -12.19 -1.70
N SER A 69 -0.55 -11.54 -2.79
CA SER A 69 -1.07 -12.21 -3.97
C SER A 69 0.04 -12.40 -5.00
N THR A 70 -0.34 -12.71 -6.23
CA THR A 70 0.63 -12.88 -7.29
C THR A 70 0.58 -11.73 -8.29
N SER A 71 1.05 -10.57 -7.86
CA SER A 71 1.17 -9.40 -8.72
C SER A 71 2.51 -8.72 -8.48
N LEU A 72 3.47 -9.04 -9.33
CA LEU A 72 4.83 -8.56 -9.17
C LEU A 72 5.04 -7.24 -9.91
N THR A 73 4.42 -6.17 -9.43
CA THR A 73 4.53 -4.85 -10.07
C THR A 73 3.98 -3.75 -9.16
N ASN A 74 4.84 -2.80 -8.75
CA ASN A 74 4.39 -1.66 -7.95
C ASN A 74 5.53 -0.68 -7.58
N LEU A 75 5.12 0.43 -6.94
CA LEU A 75 6.03 1.32 -6.17
C LEU A 75 7.15 1.98 -6.98
N TYR A 76 6.99 2.13 -8.29
CA TYR A 76 8.01 2.82 -9.08
C TYR A 76 7.42 3.54 -10.29
N GLU A 77 6.15 3.91 -10.22
CA GLU A 77 5.51 4.52 -11.36
C GLU A 77 4.60 5.69 -10.95
N PRO A 78 4.97 6.91 -11.36
CA PRO A 78 4.11 8.08 -11.24
C PRO A 78 3.28 8.34 -12.50
N GLY A 79 3.45 7.48 -13.51
CA GLY A 79 2.74 7.64 -14.77
C GLY A 79 1.36 7.01 -14.76
N ALA A 80 0.82 6.72 -15.94
CA ALA A 80 -0.53 6.16 -16.03
C ALA A 80 -0.67 5.20 -17.20
N VAL A 81 -0.50 3.89 -16.95
CA VAL A 81 -0.70 2.87 -18.00
C VAL A 81 -1.35 1.59 -17.46
N SER A 82 -0.55 0.65 -16.97
CA SER A 82 -0.99 -0.69 -16.67
C SER A 82 -1.56 -0.83 -15.25
N GLU A 83 -2.84 -1.16 -15.14
CA GLU A 83 -3.50 -1.21 -13.85
C GLU A 83 -2.97 -2.33 -12.96
N PHE A 84 -2.23 -1.95 -11.94
CA PHE A 84 -1.82 -2.86 -10.88
C PHE A 84 -2.40 -2.38 -9.56
N TYR A 85 -2.07 -3.02 -8.45
CA TYR A 85 -2.68 -2.64 -7.18
C TYR A 85 -1.80 -2.96 -5.98
N ILE A 86 -1.82 -2.03 -5.03
CA ILE A 86 -1.18 -2.18 -3.74
C ILE A 86 -2.29 -2.27 -2.69
N GLU A 87 -2.50 -3.45 -2.13
CA GLU A 87 -3.56 -3.62 -1.15
C GLU A 87 -3.00 -3.71 0.26
N ILE A 88 -3.32 -2.72 1.07
CA ILE A 88 -2.88 -2.67 2.45
C ILE A 88 -4.09 -2.59 3.36
N THR A 89 -3.93 -3.04 4.58
CA THR A 89 -4.97 -2.92 5.57
C THR A 89 -4.32 -2.71 6.94
N GLU A 90 -5.14 -2.51 7.94
CA GLU A 90 -4.66 -2.36 9.31
C GLU A 90 -3.69 -3.48 9.67
N ILE A 91 -2.51 -3.08 10.09
CA ILE A 91 -1.39 -4.00 10.35
C ILE A 91 -1.74 -5.05 11.42
N ASP A 92 -1.09 -6.21 11.28
CA ASP A 92 -1.15 -7.30 12.26
C ASP A 92 -2.39 -8.14 12.08
N LYS A 93 -2.51 -9.13 12.95
CA LYS A 93 -3.70 -9.94 13.00
C LYS A 93 -4.43 -9.72 14.32
N ASN A 94 -4.10 -8.62 14.96
CA ASN A 94 -4.70 -8.26 16.25
C ASN A 94 -6.22 -8.23 16.13
N ALA A 95 -6.71 -7.67 15.04
CA ALA A 95 -8.14 -7.63 14.76
C ALA A 95 -8.53 -8.70 13.75
N ASP A 96 -7.72 -9.76 13.70
CA ASP A 96 -7.86 -10.84 12.73
C ASP A 96 -7.70 -10.30 11.31
N SER A 97 -8.08 -11.07 10.32
CA SER A 97 -7.95 -10.66 8.94
C SER A 97 -9.09 -11.20 8.09
N LEU A 98 -10.17 -11.58 8.74
CA LEU A 98 -11.33 -12.13 8.05
C LEU A 98 -12.46 -11.11 8.02
N GLU A 99 -13.08 -10.98 6.85
CA GLU A 99 -14.19 -10.06 6.67
C GLU A 99 -15.41 -10.52 7.47
N HIS A 100 -16.06 -9.59 8.16
CA HIS A 100 -17.25 -9.92 8.95
C HIS A 100 -18.49 -9.90 8.06
N HIS A 101 -18.67 -10.97 7.30
CA HIS A 101 -19.77 -11.11 6.35
C HIS A 101 -19.85 -9.88 5.43
N HIS A 102 -18.95 -9.83 4.48
CA HIS A 102 -18.77 -8.64 3.65
C HIS A 102 -19.80 -8.58 2.53
N HIS A 103 -20.89 -7.89 2.79
CA HIS A 103 -21.91 -7.64 1.78
C HIS A 103 -21.30 -6.85 0.61
N HIS A 104 -21.60 -7.28 -0.60
CA HIS A 104 -21.08 -6.63 -1.80
C HIS A 104 -22.03 -5.54 -2.28
N HIS A 105 -21.47 -4.39 -2.56
CA HIS A 105 -22.24 -3.25 -3.04
C HIS A 105 -21.40 -2.45 -4.02
#